data_7LD3
#
_entry.id   7LD3
#
_cell.length_a   1.00
_cell.length_b   1.00
_cell.length_c   1.00
_cell.angle_alpha   90.00
_cell.angle_beta   90.00
_cell.angle_gamma   90.00
#
_symmetry.space_group_name_H-M   'P 1'
#
loop_
_entity.id
_entity.type
_entity.pdbx_description
1 polymer 'Guanine nucleotide-binding protein G(i) subunit alpha-2'
2 polymer 'Chimera protein of Muscarinic acetylcholine receptor M4 and Adenosine receptor A1'
3 polymer 'Guanine nucleotide-binding protein G(I)/G(S)/G(T) subunit beta-1'
4 polymer 'Guanine nucleotide-binding protein G(I)/G(S)/G(O) subunit gamma-2'
5 non-polymer ADENOSINE
6 non-polymer {2-amino-4-[3,5-bis(trifluoromethyl)phenyl]thiophen-3-yl}(4-chlorophenyl)methanone
7 water water
#
loop_
_entity_poly.entity_id
_entity_poly.type
_entity_poly.pdbx_seq_one_letter_code
_entity_poly.pdbx_strand_id
1 'polypeptide(L)'
;MGCTVSAEDKAAAERSKMIDKNLREDGEKAAREVKLLLLGAGESGKNTIVKQMKIIHEDGYSEEECRQYRAVVYSNTIQS
IMAIVKAMGNLQIDFADPSRADDARQLFALSCTAEEQGVLPDDLSGVIRRLWADHGVQACFGRSREYQLNDSAAYYLNDL
ERIAQSDYIPTQQDVLRTRVKTTGIVETHFTFKDLHFKMFDVGAQRSERKKWIHCFEGVTAIIFCVALSAYDLVLAEDEE
MNRMHASMKLFDSICNNKWFTDTSIILFLNKKDLFEEKITHSPLTICFPEYTGANKYDEAASYIQSKFEDLNKRKDTKEI
YTHFTCSTDTKNVQFVFDAVTDVIIKNNLKDCGLF
;
A
2 'polypeptide(L)'
;MKTIIALSYIFCLVFADYKDDDDAMGANFTPVNGSSGNQSVRLVTSSSLEVLFQGPPPSISAFQAAYIGIEVLIALVSVP
GNVLVIWAVKVNQALRDATFCFIVSLAVADVAVGALVIPLAILINIGPQTYFHTCLMVACPVLILTQSSILALLAIAVDR
YLRVKIPLRYKMVVTPRRAAVAIAGCWILSFVVGLTPMFGWNNLSAVERAWAANGSMGEPVIKCEFEKVISMEYMVYFNF
FVWVLPPLLLMVLIYLEVFYLIRKQLNKKVSASSGDPQKYYGKELKIAKSLALILFLFALSWLPLHILNCITLFCPSCHK
PSILTYIAIFLTHGNSAMNPIVYAFRIQKFRVTFLKIWNDHFRCQPAPPIDEDLPEERPDDHHHHHH
;
R
3 'polypeptide(L)'
;MHHHHHHGSSGSELDQLRQEAEQLKNQIRDARKACADATLSQITNNIDPVGRIQMRTRRTLRGHLAKIYAMHWGTDSRLL
VSASQDGKLIIWDSYTTNKVHAIPLRSSWVMTCAYAPSGNYVACGGLDNICSIYNLKTREGNVRVSRELAGHTGYLSCCR
FLDDNQIVTSSGDTTCALWDIETGQQTTTFTGHTGDVMSLSLAPDTRLFVSGACDASAKLWDVREGMCRQTFTGHESDIN
AICFFPNGNAFATGSDDATCRLFDLRADQELMTYSHDNIICGITSVSFSKSGRLLLAGYDDFNCNVWDALKADRAGVLAG
HDNRVSCLGVTDDGMAVATGSWDSFLKIWN
;
B
4 'polypeptide(L)' MASNNTASIAQARKLVEQLKMEANIDRIKVSKAAADLMAYCEAHAKEDPLLTPVPASENPFREKKFFCAIL G
#
loop_
_chem_comp.id
_chem_comp.type
_chem_comp.name
_chem_comp.formula
ADN non-polymer ADENOSINE 'C10 H13 N5 O4'
XTD non-polymer {2-amino-4-[3,5-bis(trifluoromethyl)phenyl]thiophen-3-yl}(4-chlorophenyl)methanone 'C19 H10 Cl F6 N O S'
#
# COMPACT_ATOMS: atom_id res chain seq x y z
N ALA A 11 -32.06 -8.89 7.93
CA ALA A 11 -30.90 -9.47 8.58
C ALA A 11 -29.75 -8.48 8.58
N ALA A 12 -28.71 -8.80 9.37
CA ALA A 12 -27.53 -7.95 9.42
C ALA A 12 -26.51 -8.31 8.35
N ALA A 13 -26.41 -9.59 7.97
CA ALA A 13 -25.51 -9.99 6.90
C ALA A 13 -26.01 -9.56 5.53
N GLU A 14 -27.33 -9.35 5.39
CA GLU A 14 -27.85 -8.77 4.16
C GLU A 14 -27.45 -7.31 4.02
N ARG A 15 -27.51 -6.56 5.13
CA ARG A 15 -27.06 -5.18 5.14
C ARG A 15 -25.55 -5.09 4.92
N SER A 16 -24.80 -6.03 5.49
CA SER A 16 -23.35 -6.09 5.28
C SER A 16 -23.01 -6.36 3.83
N LYS A 17 -23.77 -7.25 3.16
CA LYS A 17 -23.46 -7.60 1.78
C LYS A 17 -23.93 -6.55 0.78
N MET A 18 -25.04 -5.86 1.06
CA MET A 18 -25.46 -4.74 0.22
C MET A 18 -24.46 -3.59 0.29
N ILE A 19 -23.96 -3.30 1.49
CA ILE A 19 -22.98 -2.24 1.69
C ILE A 19 -21.63 -2.64 1.07
N ASP A 20 -21.25 -3.91 1.17
CA ASP A 20 -20.02 -4.38 0.55
C ASP A 20 -20.11 -4.35 -0.97
N LYS A 21 -21.31 -4.57 -1.52
CA LYS A 21 -21.50 -4.46 -2.97
C LYS A 21 -21.32 -3.02 -3.43
N ASN A 22 -21.88 -2.06 -2.69
CA ASN A 22 -21.68 -0.65 -3.01
C ASN A 22 -20.23 -0.21 -2.88
N LEU A 23 -19.47 -0.82 -1.98
CA LEU A 23 -18.05 -0.49 -1.82
C LEU A 23 -17.25 -0.90 -3.04
N ARG A 24 -17.44 -2.13 -3.51
CA ARG A 24 -16.73 -2.60 -4.70
C ARG A 24 -17.19 -1.86 -5.95
N GLU A 25 -18.48 -1.54 -6.03
CA GLU A 25 -19.01 -0.79 -7.17
C GLU A 25 -18.45 0.63 -7.23
N ASP A 26 -18.57 1.38 -6.13
CA ASP A 26 -18.09 2.76 -6.10
C ASP A 26 -16.57 2.82 -6.01
N GLY A 27 -15.93 1.79 -5.47
CA GLY A 27 -14.49 1.81 -5.35
C GLY A 27 -13.74 1.47 -6.62
N GLU A 28 -14.38 0.79 -7.56
CA GLU A 28 -13.80 0.64 -8.90
C GLU A 28 -14.26 1.77 -9.82
N LYS A 29 -15.43 2.35 -9.55
CA LYS A 29 -15.86 3.54 -10.29
C LYS A 29 -14.96 4.73 -10.01
N ALA A 30 -14.37 4.80 -8.82
CA ALA A 30 -13.42 5.83 -8.47
C ALA A 30 -11.98 5.37 -8.66
N ALA A 31 -11.76 4.19 -9.23
CA ALA A 31 -10.43 3.70 -9.55
C ALA A 31 -10.12 3.79 -11.04
N ARG A 32 -11.09 4.18 -11.86
CA ARG A 32 -10.87 4.44 -13.28
C ARG A 32 -10.67 5.92 -13.55
N GLU A 33 -10.40 6.71 -12.51
CA GLU A 33 -10.27 8.14 -12.61
C GLU A 33 -8.83 8.53 -12.29
N VAL A 34 -8.22 9.30 -13.19
CA VAL A 34 -6.84 9.72 -13.02
C VAL A 34 -6.79 10.83 -11.97
N LYS A 35 -5.96 10.65 -10.95
CA LYS A 35 -5.75 11.65 -9.92
C LYS A 35 -4.43 12.36 -10.15
N LEU A 36 -4.47 13.69 -10.27
CA LEU A 36 -3.31 14.50 -10.63
C LEU A 36 -3.09 15.58 -9.57
N LEU A 37 -2.09 15.37 -8.72
CA LEU A 37 -1.74 16.40 -7.73
C LEU A 37 -1.17 17.62 -8.45
N LEU A 38 -1.64 18.80 -8.06
CA LEU A 38 -1.14 20.06 -8.61
C LEU A 38 -0.34 20.76 -7.53
N LEU A 39 0.95 20.97 -7.79
CA LEU A 39 1.85 21.65 -6.86
C LEU A 39 2.52 22.81 -7.55
N GLY A 40 2.55 23.96 -6.89
CA GLY A 40 3.26 25.10 -7.46
C GLY A 40 3.62 26.10 -6.39
N ALA A 41 4.42 27.07 -6.80
CA ALA A 41 4.80 28.20 -5.97
C ALA A 41 3.77 29.33 -6.11
N GLY A 42 3.88 30.32 -5.22
CA GLY A 42 3.05 31.50 -5.31
C GLY A 42 3.34 32.27 -6.58
N GLU A 43 2.26 32.68 -7.27
CA GLU A 43 2.32 33.45 -8.54
C GLU A 43 3.00 32.66 -9.66
N SER A 44 2.97 31.33 -9.58
CA SER A 44 3.63 30.47 -10.56
C SER A 44 2.71 30.03 -11.70
N GLY A 45 1.49 30.52 -11.78
CA GLY A 45 0.62 30.12 -12.87
C GLY A 45 -0.25 28.91 -12.61
N LYS A 46 -0.40 28.48 -11.36
CA LYS A 46 -1.31 27.39 -11.03
C LYS A 46 -2.75 27.75 -11.40
N ASN A 47 -3.13 29.00 -11.14
CA ASN A 47 -4.48 29.48 -11.38
C ASN A 47 -4.86 29.43 -12.87
N THR A 48 -3.95 29.83 -13.75
CA THR A 48 -4.24 29.85 -15.19
C THR A 48 -4.58 28.45 -15.73
N ILE A 49 -3.87 27.42 -15.26
CA ILE A 49 -4.10 26.05 -15.73
C ILE A 49 -5.50 25.56 -15.38
N VAL A 50 -5.96 25.84 -14.15
CA VAL A 50 -7.28 25.35 -13.73
C VAL A 50 -8.41 26.05 -14.48
N LYS A 51 -8.21 27.31 -14.90
CA LYS A 51 -9.20 27.97 -15.75
C LYS A 51 -9.33 27.26 -17.08
N GLN A 52 -8.19 26.85 -17.66
CA GLN A 52 -8.19 26.18 -18.95
C GLN A 52 -8.93 24.85 -18.91
N MET A 53 -8.71 24.04 -17.88
CA MET A 53 -9.28 22.70 -17.83
C MET A 53 -10.30 22.60 -16.69
N LYS A 54 -11.54 22.27 -17.06
CA LYS A 54 -12.74 22.14 -16.21
C LYS A 54 -13.82 21.45 -17.03
N GLY A 184 -10.04 24.69 2.10
CA GLY A 184 -8.82 23.93 2.11
C GLY A 184 -8.42 23.44 0.73
N ILE A 185 -8.23 22.13 0.59
CA ILE A 185 -7.91 21.54 -0.70
C ILE A 185 -9.08 21.70 -1.67
N VAL A 186 -8.77 22.08 -2.91
CA VAL A 186 -9.77 22.27 -3.94
C VAL A 186 -9.52 21.24 -5.03
N GLU A 187 -10.54 20.48 -5.38
CA GLU A 187 -10.44 19.43 -6.39
C GLU A 187 -11.21 19.86 -7.63
N THR A 188 -10.55 19.82 -8.78
CA THR A 188 -11.15 20.17 -10.05
C THR A 188 -11.27 18.93 -10.92
N HIS A 189 -12.49 18.66 -11.38
CA HIS A 189 -12.82 17.46 -12.13
C HIS A 189 -13.23 17.83 -13.55
N PHE A 190 -12.57 17.23 -14.54
CA PHE A 190 -12.92 17.42 -15.94
C PHE A 190 -12.83 16.08 -16.62
N THR A 191 -13.61 15.90 -17.68
CA THR A 191 -13.56 14.67 -18.47
C THR A 191 -13.09 15.02 -19.88
N PHE A 192 -11.98 14.41 -20.29
CA PHE A 192 -11.41 14.63 -21.61
C PHE A 192 -11.16 13.28 -22.27
N LYS A 193 -11.72 13.09 -23.48
CA LYS A 193 -11.57 11.87 -24.29
C LYS A 193 -11.93 10.60 -23.51
N ASP A 194 -13.04 10.67 -22.78
CA ASP A 194 -13.59 9.58 -21.96
C ASP A 194 -12.63 9.19 -20.84
N LEU A 195 -11.84 10.14 -20.36
CA LEU A 195 -10.98 9.97 -19.20
C LEU A 195 -11.34 11.02 -18.17
N HIS A 196 -11.65 10.57 -16.95
CA HIS A 196 -11.97 11.47 -15.86
C HIS A 196 -10.68 11.85 -15.14
N PHE A 197 -10.43 13.15 -15.02
CA PHE A 197 -9.24 13.65 -14.36
C PHE A 197 -9.65 14.41 -13.11
N LYS A 198 -9.07 14.05 -11.98
CA LYS A 198 -9.26 14.76 -10.73
C LYS A 198 -7.96 15.49 -10.44
N MET A 199 -8.02 16.81 -10.37
CA MET A 199 -6.86 17.64 -10.11
C MET A 199 -7.05 18.33 -8.76
N PHE A 200 -6.14 18.08 -7.83
CA PHE A 200 -6.27 18.60 -6.47
C PHE A 200 -5.26 19.71 -6.27
N ASP A 201 -5.75 20.94 -6.12
CA ASP A 201 -4.90 22.08 -5.82
C ASP A 201 -4.86 22.19 -4.30
N VAL A 202 -3.71 21.86 -3.73
CA VAL A 202 -3.55 21.83 -2.28
C VAL A 202 -2.71 23.02 -1.81
N GLY A 203 -2.50 24.00 -2.69
CA GLY A 203 -1.71 25.18 -2.38
C GLY A 203 -2.27 26.06 -1.28
N ALA A 204 -3.58 25.94 -1.02
CA ALA A 204 -4.23 26.75 0.02
C ALA A 204 -3.64 26.45 1.41
N GLN A 205 -3.31 25.19 1.67
CA GLN A 205 -2.77 24.79 2.97
C GLN A 205 -1.44 25.48 3.24
N ARG A 206 -1.32 26.12 4.40
CA ARG A 206 -0.08 26.78 4.79
C ARG A 206 0.79 25.91 5.70
N SER A 207 0.28 24.73 6.06
CA SER A 207 0.99 23.81 6.94
C SER A 207 2.15 23.16 6.21
N GLU A 208 3.11 22.64 6.99
CA GLU A 208 4.27 21.96 6.41
C GLU A 208 3.84 20.74 5.61
N ARG A 209 4.44 20.59 4.43
CA ARG A 209 4.09 19.54 3.47
C ARG A 209 4.28 18.15 4.04
N LYS A 210 5.32 17.94 4.86
CA LYS A 210 5.69 16.61 5.36
C LYS A 210 4.62 15.93 6.22
N LYS A 211 3.56 16.64 6.61
CA LYS A 211 2.48 16.08 7.43
C LYS A 211 1.29 15.62 6.61
N TRP A 212 1.13 16.08 5.37
CA TRP A 212 0.01 15.66 4.54
C TRP A 212 0.40 15.26 3.13
N ILE A 213 1.69 15.18 2.80
CA ILE A 213 2.07 14.82 1.44
C ILE A 213 1.97 13.32 1.18
N HIS A 214 1.82 12.51 2.23
CA HIS A 214 1.67 11.07 2.06
C HIS A 214 0.24 10.67 1.73
N CYS A 215 -0.71 11.60 1.80
CA CYS A 215 -2.07 11.30 1.37
C CYS A 215 -2.16 11.19 -0.14
N PHE A 216 -1.24 11.82 -0.86
CA PHE A 216 -1.20 11.81 -2.32
C PHE A 216 -0.14 10.86 -2.85
N GLU A 217 0.09 9.73 -2.19
CA GLU A 217 1.12 8.81 -2.66
C GLU A 217 0.67 8.08 -3.92
N GLY A 218 -0.63 7.91 -4.12
CA GLY A 218 -1.16 7.14 -5.23
C GLY A 218 -1.54 7.92 -6.46
N VAL A 219 -1.20 9.21 -6.54
CA VAL A 219 -1.54 10.03 -7.69
C VAL A 219 -0.82 9.52 -8.93
N THR A 220 -1.54 9.52 -10.06
CA THR A 220 -0.98 9.04 -11.32
C THR A 220 0.20 9.91 -11.77
N ALA A 221 0.06 11.23 -11.67
CA ALA A 221 1.15 12.14 -11.99
C ALA A 221 1.01 13.40 -11.16
N ILE A 222 2.06 14.21 -11.16
CA ILE A 222 2.08 15.48 -10.46
C ILE A 222 2.23 16.59 -11.50
N ILE A 223 1.32 17.56 -11.47
CA ILE A 223 1.39 18.71 -12.37
C ILE A 223 2.08 19.85 -11.63
N PHE A 224 3.24 20.26 -12.11
CA PHE A 224 4.00 21.33 -11.48
C PHE A 224 4.02 22.54 -12.40
N CYS A 225 3.61 23.70 -11.89
CA CYS A 225 3.55 24.94 -12.65
C CYS A 225 4.71 25.84 -12.27
N VAL A 226 5.50 26.26 -13.25
CA VAL A 226 6.65 27.13 -13.06
C VAL A 226 6.44 28.41 -13.86
N ALA A 227 6.67 29.55 -13.22
CA ALA A 227 6.60 30.84 -13.91
C ALA A 227 7.98 31.14 -14.48
N LEU A 228 8.08 31.18 -15.81
CA LEU A 228 9.35 31.51 -16.47
C LEU A 228 9.75 32.95 -16.18
N SER A 229 8.78 33.86 -16.17
CA SER A 229 9.05 35.28 -15.95
C SER A 229 9.61 35.57 -14.57
N ALA A 230 9.37 34.69 -13.59
CA ALA A 230 9.77 34.91 -12.20
C ALA A 230 11.20 34.48 -11.92
N TYR A 231 12.10 34.58 -12.88
CA TYR A 231 13.49 34.26 -12.62
C TYR A 231 14.27 35.45 -12.05
N ASP A 232 13.69 36.64 -12.11
CA ASP A 232 14.29 37.83 -11.51
C ASP A 232 13.53 38.31 -10.29
N LEU A 233 12.25 37.95 -10.17
CA LEU A 233 11.37 38.42 -9.12
C LEU A 233 11.69 37.72 -7.80
N VAL A 234 11.20 38.29 -6.71
CA VAL A 234 11.34 37.72 -5.38
C VAL A 234 9.99 37.50 -4.74
N MET A 241 16.82 33.11 -2.22
CA MET A 241 15.74 34.06 -1.95
C MET A 241 15.00 34.40 -3.23
N ASN A 242 15.59 34.01 -4.36
CA ASN A 242 14.97 34.26 -5.66
C ASN A 242 13.75 33.37 -5.84
N ARG A 243 12.82 33.83 -6.67
CA ARG A 243 11.57 33.10 -6.87
C ARG A 243 11.80 31.81 -7.65
N MET A 244 12.65 31.85 -8.67
CA MET A 244 12.95 30.65 -9.44
C MET A 244 13.81 29.68 -8.64
N HIS A 245 14.70 30.20 -7.79
CA HIS A 245 15.51 29.33 -6.95
C HIS A 245 14.67 28.69 -5.85
N ALA A 246 13.68 29.41 -5.33
CA ALA A 246 12.75 28.81 -4.38
C ALA A 246 11.86 27.78 -5.06
N SER A 247 11.49 28.03 -6.32
CA SER A 247 10.69 27.08 -7.07
C SER A 247 11.48 25.84 -7.44
N MET A 248 12.78 26.01 -7.72
CA MET A 248 13.63 24.86 -7.98
C MET A 248 13.87 24.04 -6.73
N LYS A 249 13.95 24.69 -5.56
CA LYS A 249 14.09 23.95 -4.31
C LYS A 249 12.81 23.21 -3.96
N LEU A 250 11.66 23.81 -4.26
CA LEU A 250 10.38 23.12 -4.09
C LEU A 250 10.29 21.91 -5.01
N PHE A 251 10.68 22.10 -6.28
CA PHE A 251 10.63 21.02 -7.26
C PHE A 251 11.55 19.87 -6.87
N ASP A 252 12.73 20.17 -6.36
CA ASP A 252 13.71 19.15 -6.03
C ASP A 252 13.36 18.46 -4.72
N SER A 253 12.44 19.02 -3.95
CA SER A 253 11.95 18.34 -2.76
C SER A 253 10.84 17.35 -3.07
N ILE A 254 9.86 17.74 -3.88
CA ILE A 254 8.80 16.82 -4.27
C ILE A 254 9.32 15.69 -5.17
N CYS A 255 10.24 16.01 -6.09
CA CYS A 255 10.75 14.99 -7.02
C CYS A 255 11.52 13.91 -6.28
N ASN A 256 12.34 14.30 -5.32
CA ASN A 256 13.14 13.35 -4.55
C ASN A 256 12.52 13.14 -3.17
N ASN A 257 11.24 12.81 -3.17
CA ASN A 257 10.51 12.48 -1.95
C ASN A 257 10.49 10.97 -1.78
N LYS A 258 10.11 10.54 -0.58
CA LYS A 258 10.01 9.11 -0.31
C LYS A 258 8.78 8.51 -0.98
N TRP A 259 7.74 9.33 -1.19
CA TRP A 259 6.47 8.85 -1.71
C TRP A 259 6.34 8.98 -3.22
N PHE A 260 7.12 9.86 -3.83
CA PHE A 260 6.99 10.20 -5.24
C PHE A 260 8.06 9.57 -6.12
N THR A 261 8.78 8.55 -5.62
CA THR A 261 9.87 7.94 -6.38
C THR A 261 9.38 7.37 -7.71
N ASP A 262 8.21 6.72 -7.71
CA ASP A 262 7.70 6.05 -8.89
C ASP A 262 6.64 6.85 -9.63
N THR A 263 6.34 8.08 -9.22
CA THR A 263 5.28 8.87 -9.85
C THR A 263 5.91 9.92 -10.74
N SER A 264 5.55 9.90 -12.03
CA SER A 264 6.05 10.87 -12.98
C SER A 264 5.51 12.26 -12.68
N ILE A 265 6.26 13.27 -13.10
CA ILE A 265 5.93 14.65 -12.84
C ILE A 265 5.68 15.33 -14.18
N ILE A 266 4.51 15.94 -14.32
CA ILE A 266 4.20 16.77 -15.48
C ILE A 266 4.64 18.17 -15.13
N LEU A 267 5.55 18.73 -15.92
CA LEU A 267 6.10 20.05 -15.65
C LEU A 267 5.51 21.04 -16.63
N PHE A 268 4.93 22.12 -16.11
CA PHE A 268 4.35 23.17 -16.91
C PHE A 268 5.14 24.43 -16.69
N LEU A 269 5.59 25.04 -17.77
CA LEU A 269 6.30 26.31 -17.71
C LEU A 269 5.32 27.37 -18.19
N ASN A 270 5.15 28.42 -17.42
CA ASN A 270 4.11 29.40 -17.70
C ASN A 270 4.72 30.77 -17.96
N LYS A 271 3.88 31.63 -18.55
CA LYS A 271 4.21 33.02 -18.87
C LYS A 271 5.40 33.11 -19.83
N LYS A 272 5.42 32.24 -20.85
CA LYS A 272 6.50 32.32 -21.82
C LYS A 272 6.38 33.55 -22.71
N ASP A 273 5.20 34.19 -22.76
CA ASP A 273 5.07 35.47 -23.45
C ASP A 273 5.66 36.59 -22.62
N LEU A 274 5.34 36.62 -21.33
CA LEU A 274 5.95 37.58 -20.41
C LEU A 274 7.45 37.32 -20.24
N PHE A 275 7.89 36.08 -20.42
CA PHE A 275 9.31 35.78 -20.43
C PHE A 275 10.03 36.38 -21.63
N GLU A 276 9.36 36.46 -22.79
CA GLU A 276 9.99 36.98 -24.00
C GLU A 276 10.37 38.47 -23.91
N GLU A 277 9.54 39.31 -23.28
CA GLU A 277 9.98 40.69 -23.10
C GLU A 277 10.94 40.87 -21.94
N LYS A 278 10.73 40.14 -20.85
CA LYS A 278 11.57 40.32 -19.66
C LYS A 278 12.97 39.71 -19.82
N ILE A 279 13.21 38.93 -20.88
CA ILE A 279 14.54 38.40 -21.12
C ILE A 279 15.46 39.41 -21.79
N THR A 280 14.93 40.51 -22.33
CA THR A 280 15.78 41.56 -22.87
C THR A 280 16.09 42.66 -21.86
N HIS A 281 15.18 42.92 -20.92
CA HIS A 281 15.45 43.87 -19.86
C HIS A 281 16.46 43.33 -18.87
N SER A 282 16.54 42.01 -18.70
CA SER A 282 17.51 41.45 -17.78
C SER A 282 17.95 40.09 -18.31
N PRO A 283 19.23 39.75 -18.20
CA PRO A 283 19.70 38.43 -18.60
C PRO A 283 19.36 37.38 -17.55
N LEU A 284 19.69 36.14 -17.86
CA LEU A 284 19.51 35.05 -16.90
C LEU A 284 20.68 34.96 -15.93
N THR A 285 21.66 35.87 -16.04
CA THR A 285 22.75 35.93 -15.09
C THR A 285 22.29 36.41 -13.72
N ILE A 286 21.14 37.09 -13.66
CA ILE A 286 20.54 37.44 -12.37
C ILE A 286 20.06 36.17 -11.66
N CYS A 287 19.40 35.27 -12.41
CA CYS A 287 18.95 34.00 -11.83
C CYS A 287 20.09 33.00 -11.72
N PHE A 288 20.58 32.52 -12.86
CA PHE A 288 21.68 31.57 -12.92
C PHE A 288 22.97 32.28 -13.27
N PRO A 289 23.88 32.47 -12.32
CA PRO A 289 25.18 33.11 -12.64
C PRO A 289 26.02 32.31 -13.62
N GLU A 290 26.02 30.98 -13.51
CA GLU A 290 26.89 30.14 -14.34
C GLU A 290 26.42 30.01 -15.78
N TYR A 291 25.25 30.56 -16.13
CA TYR A 291 24.74 30.48 -17.50
C TYR A 291 25.64 31.23 -18.47
N THR A 292 26.01 30.59 -19.57
CA THR A 292 26.86 31.18 -20.61
C THR A 292 26.23 30.91 -21.99
N GLY A 293 25.16 31.65 -22.29
CA GLY A 293 24.47 31.47 -23.55
C GLY A 293 23.95 32.78 -24.10
N ALA A 294 23.63 32.75 -25.39
CA ALA A 294 23.05 33.90 -26.08
C ALA A 294 21.67 34.24 -25.49
N ASN A 295 21.39 35.54 -25.39
CA ASN A 295 20.16 36.01 -24.74
C ASN A 295 18.97 35.96 -25.70
N LYS A 296 18.55 34.73 -26.02
CA LYS A 296 17.38 34.49 -26.85
C LYS A 296 16.48 33.53 -26.09
N TYR A 297 15.18 33.57 -26.43
CA TYR A 297 14.18 32.81 -25.70
C TYR A 297 14.42 31.31 -25.82
N ASP A 298 14.74 30.83 -27.03
CA ASP A 298 14.81 29.40 -27.30
C ASP A 298 15.88 28.68 -26.50
N GLU A 299 17.11 29.19 -26.51
CA GLU A 299 18.18 28.54 -25.76
C GLU A 299 17.98 28.67 -24.24
N ALA A 300 17.60 29.87 -23.78
CA ALA A 300 17.39 30.11 -22.36
C ALA A 300 16.26 29.27 -21.77
N ALA A 301 15.15 29.14 -22.51
CA ALA A 301 14.03 28.32 -22.05
C ALA A 301 14.46 26.86 -21.94
N SER A 302 15.28 26.40 -22.88
CA SER A 302 15.76 25.04 -22.86
C SER A 302 16.81 24.85 -21.78
N TYR A 303 17.44 25.94 -21.33
CA TYR A 303 18.40 25.87 -20.24
C TYR A 303 17.69 25.84 -18.90
N ILE A 304 16.62 26.63 -18.76
CA ILE A 304 15.81 26.60 -17.54
C ILE A 304 15.10 25.27 -17.41
N GLN A 305 14.63 24.73 -18.53
CA GLN A 305 14.05 23.39 -18.54
C GLN A 305 15.09 22.32 -18.18
N SER A 306 16.34 22.50 -18.62
CA SER A 306 17.38 21.55 -18.26
C SER A 306 17.75 21.65 -16.79
N LYS A 307 17.69 22.87 -16.22
CA LYS A 307 17.93 23.05 -14.80
C LYS A 307 16.84 22.39 -13.97
N PHE A 308 15.58 22.55 -14.38
CA PHE A 308 14.48 21.90 -13.68
C PHE A 308 14.54 20.38 -13.79
N GLU A 309 14.89 19.86 -14.97
CA GLU A 309 14.88 18.41 -15.17
C GLU A 309 15.97 17.71 -14.37
N ASP A 310 17.25 18.08 -14.56
CA ASP A 310 18.38 17.37 -13.96
C ASP A 310 18.42 17.33 -12.43
N LEU A 311 17.44 17.96 -11.76
CA LEU A 311 17.21 17.83 -10.32
C LEU A 311 16.50 16.52 -9.98
N ASN A 312 16.18 15.71 -10.98
CA ASN A 312 15.57 14.40 -10.81
C ASN A 312 16.68 13.41 -10.53
N LYS A 313 16.81 13.00 -9.27
CA LYS A 313 17.79 11.98 -8.92
C LYS A 313 17.31 10.60 -9.32
N ARG A 314 16.00 10.37 -9.29
CA ARG A 314 15.42 9.10 -9.73
C ARG A 314 15.28 9.15 -11.25
N LYS A 315 16.40 9.00 -11.94
CA LYS A 315 16.37 9.05 -13.40
C LYS A 315 15.84 7.76 -14.03
N ASP A 316 15.74 6.68 -13.25
CA ASP A 316 15.33 5.39 -13.77
C ASP A 316 13.84 5.16 -13.64
N THR A 317 13.20 5.75 -12.63
CA THR A 317 11.89 5.32 -12.18
C THR A 317 10.79 6.34 -12.50
N LYS A 318 11.13 7.60 -12.68
CA LYS A 318 10.16 8.65 -12.96
C LYS A 318 10.65 9.51 -14.12
N GLU A 319 9.70 10.10 -14.83
CA GLU A 319 9.99 10.90 -16.02
C GLU A 319 9.34 12.27 -15.88
N ILE A 320 10.05 13.31 -16.28
CA ILE A 320 9.53 14.67 -16.24
C ILE A 320 9.12 15.08 -17.65
N TYR A 321 7.85 15.42 -17.84
CA TYR A 321 7.33 15.85 -19.13
C TYR A 321 7.15 17.37 -19.09
N THR A 322 7.94 18.09 -19.88
CA THR A 322 7.96 19.54 -19.86
C THR A 322 7.20 20.13 -21.05
N HIS A 323 6.16 20.90 -20.78
CA HIS A 323 5.39 21.58 -21.81
C HIS A 323 5.25 23.05 -21.46
N PHE A 324 5.52 23.91 -22.43
CA PHE A 324 5.29 25.34 -22.25
C PHE A 324 3.83 25.61 -22.56
N THR A 325 3.12 26.22 -21.59
CA THR A 325 1.67 26.43 -21.74
C THR A 325 1.36 27.37 -22.89
N CYS A 326 0.36 26.98 -23.68
CA CYS A 326 -0.06 27.77 -24.83
C CYS A 326 -1.39 28.47 -24.55
N SER A 327 -1.66 29.49 -25.37
CA SER A 327 -2.91 30.23 -25.29
C SER A 327 -4.10 29.39 -25.74
N THR A 328 -3.85 28.34 -26.50
CA THR A 328 -4.91 27.45 -26.98
C THR A 328 -5.33 26.53 -25.84
N ASP A 329 -6.63 26.49 -25.58
CA ASP A 329 -7.16 25.71 -24.46
C ASP A 329 -7.06 24.22 -24.73
N THR A 330 -7.36 23.80 -25.97
CA THR A 330 -7.26 22.41 -26.39
C THR A 330 -5.87 21.82 -26.16
N LYS A 331 -4.82 22.54 -26.58
CA LYS A 331 -3.44 22.04 -26.55
C LYS A 331 -2.95 21.69 -25.15
N ASN A 332 -3.18 22.57 -24.17
CA ASN A 332 -2.70 22.33 -22.81
C ASN A 332 -3.34 21.10 -22.20
N VAL A 333 -4.66 20.95 -22.36
CA VAL A 333 -5.36 19.78 -21.85
C VAL A 333 -4.91 18.53 -22.58
N GLN A 334 -4.65 18.65 -23.88
CA GLN A 334 -4.20 17.54 -24.71
C GLN A 334 -2.85 17.00 -24.27
N PHE A 335 -1.91 17.89 -23.91
CA PHE A 335 -0.62 17.43 -23.42
C PHE A 335 -0.77 16.63 -22.14
N VAL A 336 -1.65 17.09 -21.24
CA VAL A 336 -1.88 16.40 -19.98
C VAL A 336 -2.42 15.00 -20.25
N PHE A 337 -3.34 14.89 -21.22
CA PHE A 337 -3.89 13.58 -21.59
C PHE A 337 -2.80 12.70 -22.20
N ASP A 338 -1.96 13.27 -23.06
CA ASP A 338 -0.87 12.50 -23.67
C ASP A 338 0.16 12.08 -22.63
N ALA A 339 0.52 12.98 -21.72
CA ALA A 339 1.47 12.63 -20.65
C ALA A 339 0.91 11.57 -19.72
N VAL A 340 -0.37 11.69 -19.33
CA VAL A 340 -1.02 10.70 -18.47
C VAL A 340 -1.10 9.35 -19.16
N THR A 341 -1.35 9.35 -20.48
CA THR A 341 -1.45 8.09 -21.23
C THR A 341 -0.10 7.40 -21.28
N ASP A 342 0.97 8.16 -21.54
CA ASP A 342 2.33 7.64 -21.46
C ASP A 342 2.65 7.08 -20.08
N VAL A 343 2.18 7.74 -19.02
CA VAL A 343 2.36 7.25 -17.66
C VAL A 343 1.59 5.95 -17.43
N ILE A 344 0.36 5.88 -17.94
CA ILE A 344 -0.47 4.70 -17.76
C ILE A 344 0.08 3.52 -18.56
N ILE A 345 0.56 3.77 -19.78
CA ILE A 345 1.16 2.71 -20.60
C ILE A 345 2.43 2.18 -19.95
N LYS A 346 3.28 3.07 -19.44
CA LYS A 346 4.51 2.63 -18.79
C LYS A 346 4.24 1.95 -17.45
N ASN A 347 3.14 2.32 -16.78
CA ASN A 347 2.76 1.60 -15.57
C ASN A 347 2.26 0.20 -15.90
N ASN A 348 1.48 0.07 -16.99
CA ASN A 348 1.05 -1.24 -17.47
C ASN A 348 2.24 -2.10 -17.89
N LEU A 349 3.24 -1.50 -18.54
CA LEU A 349 4.41 -2.24 -18.97
C LEU A 349 5.27 -2.70 -17.78
N LYS A 350 5.28 -1.94 -16.69
CA LYS A 350 6.04 -2.36 -15.52
C LYS A 350 5.36 -3.49 -14.77
N ASP A 351 4.06 -3.68 -14.93
CA ASP A 351 3.38 -4.81 -14.32
C ASP A 351 3.52 -6.09 -15.12
N CYS A 352 3.72 -5.99 -16.44
CA CYS A 352 4.08 -7.17 -17.23
C CYS A 352 5.46 -7.66 -16.85
N GLY A 353 6.42 -6.75 -16.72
CA GLY A 353 7.82 -7.11 -16.63
C GLY A 353 8.60 -6.71 -17.86
N LEU A 354 7.98 -6.01 -18.81
CA LEU A 354 8.68 -5.58 -20.01
C LEU A 354 9.54 -4.34 -19.74
N PHE A 355 8.94 -3.32 -19.14
CA PHE A 355 9.66 -2.10 -18.83
C PHE A 355 10.61 -2.28 -17.65
N SER B 59 15.18 -52.83 -16.13
CA SER B 59 16.56 -52.71 -16.58
C SER B 59 16.74 -51.45 -17.42
N ILE B 60 17.41 -50.45 -16.85
CA ILE B 60 17.60 -49.18 -17.52
C ILE B 60 18.84 -49.25 -18.39
N SER B 61 18.92 -48.33 -19.35
CA SER B 61 20.00 -48.28 -20.32
C SER B 61 21.11 -47.36 -19.82
N ALA B 62 22.05 -47.02 -20.70
CA ALA B 62 23.11 -46.09 -20.34
C ALA B 62 22.63 -44.64 -20.40
N PHE B 63 22.03 -44.24 -21.52
CA PHE B 63 21.49 -42.89 -21.64
C PHE B 63 20.20 -42.74 -20.86
N GLN B 64 19.55 -43.85 -20.49
CA GLN B 64 18.32 -43.79 -19.72
C GLN B 64 18.58 -43.27 -18.30
N ALA B 65 19.72 -43.65 -17.72
CA ALA B 65 20.08 -43.16 -16.39
C ALA B 65 20.39 -41.67 -16.41
N ALA B 66 21.05 -41.19 -17.47
CA ALA B 66 21.31 -39.77 -17.62
C ALA B 66 20.03 -38.97 -17.82
N TYR B 67 19.05 -39.55 -18.52
CA TYR B 67 17.76 -38.88 -18.69
C TYR B 67 17.02 -38.70 -17.37
N ILE B 68 17.00 -39.74 -16.54
CA ILE B 68 16.32 -39.66 -15.25
C ILE B 68 17.04 -38.70 -14.31
N GLY B 69 18.37 -38.61 -14.43
CA GLY B 69 19.10 -37.64 -13.63
C GLY B 69 18.82 -36.20 -14.01
N ILE B 70 18.72 -35.92 -15.32
CA ILE B 70 18.38 -34.58 -15.77
C ILE B 70 16.92 -34.25 -15.43
N GLU B 71 16.05 -35.25 -15.41
CA GLU B 71 14.65 -35.02 -15.06
C GLU B 71 14.48 -34.69 -13.58
N VAL B 72 15.19 -35.39 -12.69
CA VAL B 72 15.07 -35.07 -11.27
C VAL B 72 15.79 -33.76 -10.95
N LEU B 73 16.81 -33.41 -11.73
CA LEU B 73 17.42 -32.09 -11.61
C LEU B 73 16.43 -30.99 -12.02
N ILE B 74 15.66 -31.25 -13.09
CA ILE B 74 14.63 -30.31 -13.52
C ILE B 74 13.52 -30.21 -12.47
N ALA B 75 13.19 -31.33 -11.82
CA ALA B 75 12.19 -31.33 -10.76
C ALA B 75 12.64 -30.54 -9.55
N LEU B 76 13.91 -30.71 -9.13
CA LEU B 76 14.44 -29.98 -7.99
C LEU B 76 14.67 -28.50 -8.27
N VAL B 77 14.64 -28.07 -9.53
CA VAL B 77 14.62 -26.64 -9.84
C VAL B 77 13.18 -26.12 -9.99
N SER B 78 12.26 -26.95 -10.47
CA SER B 78 10.93 -26.47 -10.85
C SER B 78 9.95 -26.45 -9.68
N VAL B 79 10.06 -27.34 -8.72
CA VAL B 79 9.15 -27.26 -7.57
C VAL B 79 9.50 -26.10 -6.62
N PRO B 80 10.80 -25.76 -6.23
CA PRO B 80 10.93 -24.66 -5.26
C PRO B 80 10.76 -23.28 -5.88
N GLY B 81 11.14 -23.12 -7.15
CA GLY B 81 10.98 -21.83 -7.81
C GLY B 81 9.54 -21.45 -8.05
N ASN B 82 8.71 -22.41 -8.46
CA ASN B 82 7.30 -22.14 -8.70
C ASN B 82 6.51 -21.99 -7.41
N VAL B 83 6.87 -22.71 -6.34
CA VAL B 83 6.19 -22.50 -5.07
C VAL B 83 6.62 -21.17 -4.44
N LEU B 84 7.78 -20.64 -4.81
CA LEU B 84 8.17 -19.29 -4.39
C LEU B 84 7.26 -18.24 -5.03
N VAL B 85 6.88 -18.44 -6.30
CA VAL B 85 5.97 -17.52 -6.98
C VAL B 85 4.59 -17.56 -6.34
N ILE B 86 4.10 -18.76 -6.01
CA ILE B 86 2.79 -18.90 -5.35
C ILE B 86 2.84 -18.31 -3.94
N TRP B 87 3.95 -18.52 -3.22
CA TRP B 87 4.08 -17.95 -1.88
C TRP B 87 4.16 -16.44 -1.90
N ALA B 88 4.87 -15.87 -2.88
CA ALA B 88 4.97 -14.41 -2.99
C ALA B 88 3.66 -13.76 -3.37
N VAL B 89 2.79 -14.48 -4.10
CA VAL B 89 1.45 -13.98 -4.35
C VAL B 89 0.63 -13.95 -3.06
N LYS B 90 0.77 -14.98 -2.23
CA LYS B 90 -0.06 -15.07 -1.03
C LYS B 90 0.37 -14.12 0.07
N VAL B 91 1.66 -13.78 0.15
CA VAL B 91 2.16 -12.90 1.22
C VAL B 91 2.13 -11.44 0.79
N ASN B 92 1.52 -11.14 -0.35
CA ASN B 92 1.43 -9.77 -0.83
C ASN B 92 0.00 -9.48 -1.28
N GLN B 93 -0.45 -8.26 -1.05
CA GLN B 93 -1.79 -7.86 -1.45
C GLN B 93 -1.81 -7.05 -2.75
N ALA B 94 -0.74 -6.31 -3.04
CA ALA B 94 -0.59 -5.60 -4.30
C ALA B 94 -0.49 -6.53 -5.52
N LEU B 95 -0.22 -7.82 -5.31
CA LEU B 95 -0.24 -8.82 -6.37
C LEU B 95 -1.58 -9.50 -6.54
N ARG B 96 -2.68 -8.82 -6.22
CA ARG B 96 -4.02 -9.33 -6.48
C ARG B 96 -4.60 -8.87 -7.80
N ASP B 97 -3.76 -8.47 -8.76
CA ASP B 97 -4.25 -7.95 -10.03
C ASP B 97 -4.63 -9.10 -10.95
N ALA B 98 -4.92 -8.79 -12.21
CA ALA B 98 -5.28 -9.84 -13.17
C ALA B 98 -4.06 -10.53 -13.74
N THR B 99 -2.99 -9.77 -14.01
CA THR B 99 -1.74 -10.32 -14.52
C THR B 99 -1.11 -11.31 -13.55
N PHE B 100 -1.20 -11.02 -12.26
CA PHE B 100 -0.63 -11.90 -11.25
C PHE B 100 -1.51 -13.12 -10.97
N CYS B 101 -2.80 -13.07 -11.30
CA CYS B 101 -3.60 -14.29 -11.33
C CYS B 101 -3.14 -15.21 -12.45
N PHE B 102 -2.83 -14.65 -13.62
CA PHE B 102 -2.33 -15.45 -14.74
C PHE B 102 -0.96 -16.06 -14.44
N ILE B 103 -0.10 -15.32 -13.74
CA ILE B 103 1.23 -15.82 -13.45
C ILE B 103 1.20 -16.86 -12.33
N VAL B 104 0.31 -16.72 -11.35
CA VAL B 104 0.18 -17.77 -10.35
C VAL B 104 -0.57 -18.98 -10.92
N SER B 105 -1.37 -18.80 -11.97
CA SER B 105 -1.94 -19.94 -12.67
C SER B 105 -0.86 -20.71 -13.42
N LEU B 106 0.08 -20.00 -14.05
CA LEU B 106 1.22 -20.65 -14.68
C LEU B 106 2.10 -21.34 -13.65
N ALA B 107 2.25 -20.74 -12.47
CA ALA B 107 3.06 -21.35 -11.41
C ALA B 107 2.40 -22.58 -10.81
N VAL B 108 1.07 -22.59 -10.73
CA VAL B 108 0.36 -23.80 -10.27
C VAL B 108 0.51 -24.92 -11.29
N ALA B 109 0.36 -24.59 -12.58
CA ALA B 109 0.56 -25.57 -13.65
C ALA B 109 1.99 -26.08 -13.70
N ASP B 110 2.95 -25.21 -13.46
CA ASP B 110 4.36 -25.62 -13.53
C ASP B 110 4.84 -26.31 -12.28
N VAL B 111 4.26 -26.03 -11.11
CA VAL B 111 4.63 -26.81 -9.94
C VAL B 111 3.97 -28.18 -10.01
N ALA B 112 2.84 -28.29 -10.72
CA ALA B 112 2.26 -29.60 -10.99
C ALA B 112 3.09 -30.35 -12.03
N VAL B 113 3.72 -29.62 -12.95
CA VAL B 113 4.63 -30.26 -13.90
C VAL B 113 5.89 -30.75 -13.20
N GLY B 114 6.45 -29.94 -12.30
CA GLY B 114 7.67 -30.34 -11.61
C GLY B 114 7.48 -31.40 -10.56
N ALA B 115 6.25 -31.58 -10.05
CA ALA B 115 6.02 -32.55 -8.99
C ALA B 115 5.20 -33.75 -9.40
N LEU B 116 4.39 -33.64 -10.46
CA LEU B 116 3.54 -34.74 -10.88
C LEU B 116 3.70 -35.18 -12.32
N VAL B 117 4.48 -34.45 -13.14
CA VAL B 117 4.73 -34.87 -14.51
C VAL B 117 6.12 -35.47 -14.59
N ILE B 118 7.06 -34.97 -13.78
CA ILE B 118 8.38 -35.60 -13.69
C ILE B 118 8.35 -37.03 -13.15
N PRO B 119 7.66 -37.36 -12.02
CA PRO B 119 7.67 -38.76 -11.60
C PRO B 119 6.87 -39.68 -12.51
N LEU B 120 5.77 -39.19 -13.09
CA LEU B 120 5.05 -39.99 -14.07
C LEU B 120 5.84 -40.21 -15.36
N ALA B 121 6.66 -39.25 -15.77
CA ALA B 121 7.47 -39.44 -16.98
C ALA B 121 8.59 -40.43 -16.73
N ILE B 122 9.20 -40.40 -15.55
CA ILE B 122 10.23 -41.38 -15.20
C ILE B 122 9.61 -42.77 -15.06
N LEU B 123 8.40 -42.85 -14.51
CA LEU B 123 7.69 -44.12 -14.39
C LEU B 123 7.30 -44.69 -15.75
N ILE B 124 6.94 -43.82 -16.69
CA ILE B 124 6.67 -44.26 -18.06
C ILE B 124 7.95 -44.74 -18.73
N ASN B 125 9.04 -43.98 -18.59
CA ASN B 125 10.27 -44.27 -19.29
C ASN B 125 10.95 -45.53 -18.77
N ILE B 126 10.82 -45.83 -17.48
CA ILE B 126 11.31 -47.10 -16.96
C ILE B 126 10.48 -48.26 -17.52
N GLY B 127 9.17 -48.09 -17.62
CA GLY B 127 8.32 -49.05 -18.26
C GLY B 127 8.10 -50.34 -17.50
N PRO B 128 7.33 -50.31 -16.42
CA PRO B 128 6.96 -51.56 -15.74
C PRO B 128 5.84 -52.27 -16.47
N GLN B 129 5.75 -53.58 -16.23
CA GLN B 129 4.68 -54.37 -16.82
C GLN B 129 3.36 -54.01 -16.17
N THR B 130 2.40 -53.54 -16.97
CA THR B 130 1.27 -52.78 -16.45
C THR B 130 0.06 -53.09 -17.32
N TYR B 131 -1.13 -53.11 -16.70
CA TYR B 131 -2.37 -53.17 -17.46
C TYR B 131 -2.54 -51.89 -18.28
N PHE B 132 -3.40 -51.98 -19.31
CA PHE B 132 -3.47 -50.90 -20.29
C PHE B 132 -4.12 -49.65 -19.70
N HIS B 133 -5.27 -49.80 -19.03
CA HIS B 133 -5.95 -48.64 -18.48
C HIS B 133 -5.20 -48.05 -17.30
N THR B 134 -4.39 -48.85 -16.60
CA THR B 134 -3.51 -48.30 -15.58
C THR B 134 -2.42 -47.42 -16.21
N CYS B 135 -1.89 -47.84 -17.37
CA CYS B 135 -0.90 -47.03 -18.07
C CYS B 135 -1.51 -45.78 -18.69
N LEU B 136 -2.78 -45.82 -19.07
CA LEU B 136 -3.45 -44.60 -19.51
C LEU B 136 -3.60 -43.60 -18.37
N MET B 137 -4.00 -44.08 -17.18
CA MET B 137 -4.14 -43.19 -16.03
C MET B 137 -2.80 -42.71 -15.50
N VAL B 138 -1.70 -43.36 -15.88
CA VAL B 138 -0.38 -42.79 -15.61
C VAL B 138 -0.02 -41.75 -16.65
N ALA B 139 -0.29 -42.02 -17.94
CA ALA B 139 0.18 -41.17 -19.02
C ALA B 139 -0.67 -39.92 -19.24
N CYS B 140 -1.95 -39.96 -18.89
CA CYS B 140 -2.81 -38.79 -19.13
C CYS B 140 -2.62 -37.58 -18.21
N PRO B 141 -2.27 -37.71 -16.91
CA PRO B 141 -1.89 -36.49 -16.17
C PRO B 141 -0.68 -35.77 -16.71
N VAL B 142 0.22 -36.47 -17.43
CA VAL B 142 1.31 -35.81 -18.14
C VAL B 142 0.76 -34.82 -19.17
N LEU B 143 -0.17 -35.27 -20.01
CA LEU B 143 -0.77 -34.41 -21.02
C LEU B 143 -1.64 -33.32 -20.43
N ILE B 144 -2.35 -33.62 -19.33
CA ILE B 144 -3.22 -32.64 -18.68
C ILE B 144 -2.42 -31.44 -18.18
N LEU B 145 -1.39 -31.69 -17.38
CA LEU B 145 -0.67 -30.60 -16.72
C LEU B 145 0.30 -29.88 -17.65
N THR B 146 0.85 -30.55 -18.65
CA THR B 146 1.72 -29.86 -19.61
C THR B 146 0.91 -28.95 -20.53
N GLN B 147 -0.30 -29.36 -20.91
CA GLN B 147 -1.18 -28.48 -21.69
C GLN B 147 -1.66 -27.30 -20.86
N SER B 148 -1.78 -27.49 -19.54
CA SER B 148 -2.09 -26.38 -18.64
C SER B 148 -0.98 -25.34 -18.65
N SER B 149 0.27 -25.80 -18.75
CA SER B 149 1.41 -24.89 -18.85
C SER B 149 1.36 -24.06 -20.13
N ILE B 150 1.07 -24.70 -21.27
CA ILE B 150 1.04 -24.01 -22.55
C ILE B 150 -0.10 -23.00 -22.63
N LEU B 151 -1.30 -23.38 -22.16
CA LEU B 151 -2.43 -22.46 -22.22
C LEU B 151 -2.29 -21.32 -21.24
N ALA B 152 -1.55 -21.52 -20.15
CA ALA B 152 -1.27 -20.41 -19.23
C ALA B 152 -0.31 -19.40 -19.86
N LEU B 153 0.66 -19.88 -20.64
CA LEU B 153 1.57 -18.99 -21.36
C LEU B 153 0.85 -18.16 -22.41
N LEU B 154 -0.12 -18.76 -23.10
CA LEU B 154 -0.93 -18.00 -24.05
C LEU B 154 -1.79 -16.97 -23.35
N ALA B 155 -2.28 -17.29 -22.14
CA ALA B 155 -3.12 -16.38 -21.39
C ALA B 155 -2.34 -15.15 -20.91
N ILE B 156 -1.09 -15.35 -20.51
CA ILE B 156 -0.24 -14.21 -20.13
C ILE B 156 0.06 -13.34 -21.33
N ALA B 157 0.26 -13.95 -22.50
CA ALA B 157 0.50 -13.18 -23.73
C ALA B 157 -0.71 -12.36 -24.13
N VAL B 158 -1.92 -12.92 -24.02
CA VAL B 158 -3.13 -12.16 -24.32
C VAL B 158 -3.31 -11.06 -23.29
N ASP B 159 -2.95 -11.33 -22.03
CA ASP B 159 -3.02 -10.30 -20.99
C ASP B 159 -2.02 -9.18 -21.22
N ARG B 160 -0.80 -9.52 -21.64
CA ARG B 160 0.17 -8.48 -21.98
C ARG B 160 -0.24 -7.71 -23.22
N TYR B 161 -0.89 -8.38 -24.18
CA TYR B 161 -1.40 -7.69 -25.35
C TYR B 161 -2.49 -6.69 -24.99
N LEU B 162 -3.35 -7.02 -24.03
CA LEU B 162 -4.40 -6.09 -23.62
C LEU B 162 -3.87 -4.93 -22.79
N ARG B 163 -2.74 -5.12 -22.10
CA ARG B 163 -2.16 -4.03 -21.33
C ARG B 163 -1.59 -2.94 -22.23
N VAL B 164 -1.14 -3.29 -23.43
CA VAL B 164 -0.54 -2.32 -24.34
C VAL B 164 -1.56 -1.83 -25.37
N LYS B 165 -2.52 -2.68 -25.75
CA LYS B 165 -3.45 -2.30 -26.81
C LYS B 165 -4.54 -1.36 -26.29
N ILE B 166 -5.22 -1.75 -25.22
CA ILE B 166 -6.21 -0.90 -24.57
C ILE B 166 -5.72 -0.52 -23.18
N PRO B 167 -4.79 0.42 -23.06
CA PRO B 167 -4.13 0.64 -21.78
C PRO B 167 -4.91 1.48 -20.79
N LEU B 168 -5.76 2.38 -21.28
CA LEU B 168 -6.54 3.23 -20.38
C LEU B 168 -7.69 2.46 -19.76
N ARG B 169 -8.46 1.76 -20.58
CA ARG B 169 -9.59 0.96 -20.12
C ARG B 169 -9.23 -0.50 -19.93
N TYR B 170 -7.98 -0.79 -19.55
CA TYR B 170 -7.56 -2.16 -19.28
C TYR B 170 -8.24 -2.70 -18.04
N LYS B 171 -8.10 -2.01 -16.90
CA LYS B 171 -8.56 -2.54 -15.63
C LYS B 171 -10.07 -2.50 -15.48
N MET B 172 -10.79 -1.83 -16.38
CA MET B 172 -12.24 -1.96 -16.44
C MET B 172 -12.68 -3.01 -17.44
N VAL B 173 -11.75 -3.61 -18.17
CA VAL B 173 -12.04 -4.74 -19.06
C VAL B 173 -11.55 -6.04 -18.45
N VAL B 174 -10.29 -6.11 -18.03
CA VAL B 174 -9.72 -7.32 -17.45
C VAL B 174 -9.74 -7.13 -15.93
N THR B 175 -10.84 -7.54 -15.33
CA THR B 175 -11.03 -7.60 -13.88
C THR B 175 -10.58 -8.96 -13.37
N PRO B 176 -10.29 -9.08 -12.06
CA PRO B 176 -9.95 -10.41 -11.52
C PRO B 176 -11.09 -11.43 -11.57
N ARG B 177 -12.33 -11.00 -11.73
CA ARG B 177 -13.40 -11.94 -12.01
C ARG B 177 -13.27 -12.52 -13.41
N ARG B 178 -13.02 -11.66 -14.40
CA ARG B 178 -12.82 -12.14 -15.77
C ARG B 178 -11.50 -12.88 -15.93
N ALA B 179 -10.47 -12.50 -15.16
CA ALA B 179 -9.23 -13.27 -15.15
C ALA B 179 -9.43 -14.66 -14.56
N ALA B 180 -10.31 -14.80 -13.57
CA ALA B 180 -10.55 -16.10 -12.95
C ALA B 180 -11.32 -17.05 -13.87
N VAL B 181 -12.27 -16.53 -14.64
CA VAL B 181 -12.96 -17.40 -15.59
C VAL B 181 -12.09 -17.72 -16.79
N ALA B 182 -11.10 -16.87 -17.10
CA ALA B 182 -10.14 -17.21 -18.15
C ALA B 182 -9.17 -18.28 -17.69
N ILE B 183 -8.76 -18.23 -16.42
CA ILE B 183 -7.90 -19.28 -15.84
C ILE B 183 -8.66 -20.59 -15.77
N ALA B 184 -9.93 -20.54 -15.39
CA ALA B 184 -10.77 -21.73 -15.37
C ALA B 184 -11.02 -22.26 -16.78
N GLY B 185 -11.11 -21.38 -17.77
CA GLY B 185 -11.27 -21.82 -19.15
C GLY B 185 -10.03 -22.51 -19.68
N CYS B 186 -8.84 -22.00 -19.35
CA CYS B 186 -7.60 -22.64 -19.76
C CYS B 186 -7.41 -24.00 -19.10
N TRP B 187 -7.76 -24.12 -17.82
CA TRP B 187 -7.61 -25.40 -17.13
C TRP B 187 -8.65 -26.42 -17.55
N ILE B 188 -9.86 -26.00 -17.88
CA ILE B 188 -10.87 -26.94 -18.36
C ILE B 188 -10.52 -27.44 -19.75
N LEU B 189 -9.99 -26.55 -20.60
CA LEU B 189 -9.54 -26.95 -21.94
C LEU B 189 -8.34 -27.89 -21.88
N SER B 190 -7.45 -27.68 -20.91
CA SER B 190 -6.31 -28.58 -20.76
C SER B 190 -6.75 -29.94 -20.25
N PHE B 191 -7.76 -29.98 -19.38
CA PHE B 191 -8.32 -31.26 -18.93
C PHE B 191 -9.03 -31.99 -20.06
N VAL B 192 -9.69 -31.25 -20.96
CA VAL B 192 -10.35 -31.85 -22.11
C VAL B 192 -9.32 -32.49 -23.04
N VAL B 193 -8.23 -31.78 -23.31
CA VAL B 193 -7.17 -32.28 -24.20
C VAL B 193 -6.49 -33.51 -23.60
N GLY B 194 -6.16 -33.46 -22.30
CA GLY B 194 -5.45 -34.56 -21.69
C GLY B 194 -6.29 -35.79 -21.40
N LEU B 195 -7.61 -35.65 -21.35
CA LEU B 195 -8.51 -36.78 -21.16
C LEU B 195 -9.08 -37.29 -22.46
N THR B 196 -8.74 -36.68 -23.59
CA THR B 196 -9.06 -37.26 -24.88
C THR B 196 -8.49 -38.67 -25.07
N PRO B 197 -7.26 -39.03 -24.67
CA PRO B 197 -6.83 -40.42 -24.82
C PRO B 197 -7.44 -41.39 -23.81
N MET B 198 -8.37 -40.95 -22.96
CA MET B 198 -9.24 -41.84 -22.20
C MET B 198 -10.68 -41.70 -22.66
N PHE B 199 -10.92 -40.91 -23.70
CA PHE B 199 -12.25 -40.77 -24.28
C PHE B 199 -12.46 -41.74 -25.43
N GLY B 200 -11.53 -42.66 -25.62
CA GLY B 200 -11.57 -43.63 -26.69
C GLY B 200 -10.59 -43.44 -27.83
N TRP B 201 -9.76 -42.39 -27.83
CA TRP B 201 -8.73 -42.26 -28.84
C TRP B 201 -7.41 -42.74 -28.24
N ASN B 202 -7.07 -44.00 -28.51
CA ASN B 202 -5.90 -44.62 -27.93
C ASN B 202 -5.52 -45.82 -28.77
N ASN B 203 -4.32 -46.35 -28.54
CA ASN B 203 -3.86 -47.52 -29.29
C ASN B 203 -4.61 -48.83 -28.93
N LEU B 204 -5.65 -48.82 -28.10
CA LEU B 204 -6.23 -50.04 -27.50
C LEU B 204 -6.64 -51.06 -28.57
N SER B 205 -7.10 -50.59 -29.72
CA SER B 205 -7.56 -51.50 -30.77
C SER B 205 -6.39 -52.27 -31.38
N ALA B 206 -5.27 -51.59 -31.61
CA ALA B 206 -4.10 -52.24 -32.20
C ALA B 206 -3.45 -53.21 -31.23
N VAL B 207 -3.36 -52.84 -29.95
CA VAL B 207 -2.68 -53.71 -28.98
C VAL B 207 -3.56 -54.90 -28.60
N GLU B 208 -4.88 -54.78 -28.69
CA GLU B 208 -5.75 -55.91 -28.41
C GLU B 208 -5.72 -56.93 -29.53
N ARG B 209 -5.56 -56.46 -30.78
CA ARG B 209 -5.40 -57.36 -31.90
C ARG B 209 -4.07 -58.12 -31.81
N ALA B 210 -3.03 -57.47 -31.32
CA ALA B 210 -1.77 -58.17 -31.08
C ALA B 210 -1.88 -59.08 -29.87
N TRP B 211 -2.72 -58.73 -28.90
CA TRP B 211 -2.96 -59.59 -27.75
C TRP B 211 -3.74 -60.84 -28.15
N ALA B 212 -4.69 -60.68 -29.08
CA ALA B 212 -5.42 -61.84 -29.60
C ALA B 212 -4.53 -62.68 -30.52
N ALA B 213 -3.66 -62.03 -31.29
CA ALA B 213 -2.75 -62.77 -32.16
C ALA B 213 -1.68 -63.50 -31.36
N ASN B 214 -1.33 -62.98 -30.18
CA ASN B 214 -0.41 -63.70 -29.30
C ASN B 214 -1.05 -64.94 -28.71
N GLY B 215 -2.37 -64.93 -28.55
CA GLY B 215 -3.10 -66.05 -27.99
C GLY B 215 -3.56 -65.88 -26.56
N SER B 216 -3.18 -64.78 -25.91
CA SER B 216 -3.60 -64.54 -24.54
C SER B 216 -5.05 -64.05 -24.52
N MET B 217 -5.69 -64.24 -23.37
CA MET B 217 -7.12 -63.99 -23.21
C MET B 217 -7.35 -62.92 -22.15
N GLY B 218 -8.28 -62.01 -22.44
CA GLY B 218 -8.69 -61.00 -21.48
C GLY B 218 -8.12 -59.62 -21.76
N GLU B 219 -7.72 -58.92 -20.70
CA GLU B 219 -7.23 -57.56 -20.85
C GLU B 219 -5.75 -57.59 -21.24
N PRO B 220 -5.31 -56.71 -22.15
CA PRO B 220 -3.89 -56.70 -22.52
C PRO B 220 -3.02 -56.02 -21.48
N VAL B 221 -1.98 -56.73 -21.04
CA VAL B 221 -0.99 -56.21 -20.11
C VAL B 221 0.33 -56.04 -20.87
N ILE B 222 0.91 -54.85 -20.75
CA ILE B 222 2.00 -54.40 -21.63
C ILE B 222 3.08 -53.74 -20.79
N LYS B 223 4.23 -53.54 -21.42
CA LYS B 223 5.26 -52.68 -20.86
C LYS B 223 4.85 -51.23 -21.06
N CYS B 224 4.60 -50.52 -19.96
CA CYS B 224 3.96 -49.21 -20.01
C CYS B 224 4.92 -48.14 -20.53
N GLU B 225 4.89 -47.90 -21.84
CA GLU B 225 5.58 -46.78 -22.45
C GLU B 225 4.57 -45.81 -23.06
N PHE B 226 5.06 -44.63 -23.40
CA PHE B 226 4.16 -43.59 -23.89
C PHE B 226 3.73 -43.81 -25.33
N GLU B 227 4.62 -44.35 -26.17
CA GLU B 227 4.21 -44.63 -27.56
C GLU B 227 3.31 -45.84 -27.68
N LYS B 228 3.14 -46.63 -26.62
CA LYS B 228 2.34 -47.84 -26.69
C LYS B 228 0.88 -47.60 -26.34
N VAL B 229 0.58 -46.62 -25.49
CA VAL B 229 -0.80 -46.37 -25.08
C VAL B 229 -1.41 -45.13 -25.74
N ILE B 230 -0.60 -44.18 -26.18
CA ILE B 230 -1.10 -42.96 -26.81
C ILE B 230 -0.79 -43.04 -28.30
N SER B 231 -1.83 -42.96 -29.12
CA SER B 231 -1.66 -43.03 -30.55
C SER B 231 -1.01 -41.75 -31.06
N MET B 232 -0.10 -41.90 -32.02
CA MET B 232 0.62 -40.74 -32.54
C MET B 232 -0.25 -39.85 -33.41
N GLU B 233 -1.41 -40.34 -33.85
CA GLU B 233 -2.39 -39.47 -34.48
C GLU B 233 -2.95 -38.45 -33.49
N TYR B 234 -3.03 -38.81 -32.21
CA TYR B 234 -3.43 -37.83 -31.20
C TYR B 234 -2.34 -36.81 -30.96
N MET B 235 -1.09 -37.26 -30.89
CA MET B 235 0.01 -36.37 -30.52
C MET B 235 0.46 -35.48 -31.67
N VAL B 236 0.04 -35.75 -32.90
CA VAL B 236 0.37 -34.91 -34.04
C VAL B 236 -0.83 -34.11 -34.52
N TYR B 237 -1.96 -34.77 -34.74
CA TYR B 237 -3.08 -34.08 -35.35
C TYR B 237 -3.89 -33.29 -34.34
N PHE B 238 -3.90 -33.70 -33.08
CA PHE B 238 -4.72 -33.04 -32.07
C PHE B 238 -3.93 -32.30 -31.02
N ASN B 239 -2.81 -32.85 -30.55
CA ASN B 239 -2.06 -32.12 -29.54
C ASN B 239 -1.17 -31.06 -30.15
N PHE B 240 -0.41 -31.41 -31.18
CA PHE B 240 0.52 -30.45 -31.78
C PHE B 240 -0.22 -29.45 -32.67
N PHE B 241 -0.93 -29.93 -33.67
CA PHE B 241 -1.47 -29.05 -34.71
C PHE B 241 -2.66 -28.23 -34.25
N VAL B 242 -3.20 -28.46 -33.05
CA VAL B 242 -4.35 -27.72 -32.55
C VAL B 242 -4.03 -26.99 -31.26
N TRP B 243 -3.39 -27.67 -30.31
CA TRP B 243 -3.22 -27.12 -28.97
C TRP B 243 -1.78 -26.83 -28.57
N VAL B 244 -0.80 -26.98 -29.47
CA VAL B 244 0.57 -26.59 -29.22
C VAL B 244 1.06 -25.59 -30.27
N LEU B 245 0.85 -25.89 -31.54
CA LEU B 245 1.33 -25.01 -32.59
C LEU B 245 0.51 -23.73 -32.75
N PRO B 246 -0.83 -23.71 -32.65
CA PRO B 246 -1.52 -22.41 -32.68
C PRO B 246 -1.34 -21.59 -31.41
N PRO B 247 -1.13 -22.17 -30.21
CA PRO B 247 -0.57 -21.32 -29.13
C PRO B 247 0.78 -20.72 -29.43
N LEU B 248 1.67 -21.44 -30.12
CA LEU B 248 2.98 -20.87 -30.44
C LEU B 248 2.87 -19.80 -31.52
N LEU B 249 2.02 -20.01 -32.53
CA LEU B 249 1.84 -18.99 -33.56
C LEU B 249 1.10 -17.78 -33.03
N LEU B 250 0.15 -17.96 -32.11
CA LEU B 250 -0.54 -16.82 -31.53
C LEU B 250 0.38 -16.00 -30.63
N MET B 251 1.29 -16.65 -29.91
CA MET B 251 2.24 -15.93 -29.08
C MET B 251 3.25 -15.15 -29.91
N VAL B 252 3.63 -15.67 -31.07
CA VAL B 252 4.54 -14.95 -31.96
C VAL B 252 3.86 -13.72 -32.54
N LEU B 253 2.60 -13.86 -32.98
CA LEU B 253 1.84 -12.73 -33.52
C LEU B 253 1.54 -11.69 -32.45
N ILE B 254 1.21 -12.13 -31.23
CA ILE B 254 0.89 -11.19 -30.16
C ILE B 254 2.11 -10.42 -29.71
N TYR B 255 3.25 -11.09 -29.57
CA TYR B 255 4.45 -10.40 -29.13
C TYR B 255 5.07 -9.54 -30.22
N LEU B 256 4.82 -9.84 -31.49
CA LEU B 256 5.19 -8.91 -32.54
C LEU B 256 4.35 -7.65 -32.46
N GLU B 257 3.05 -7.78 -32.19
CA GLU B 257 2.19 -6.63 -32.06
C GLU B 257 2.42 -5.88 -30.76
N VAL B 258 2.80 -6.59 -29.69
CA VAL B 258 3.17 -5.92 -28.43
C VAL B 258 4.42 -5.08 -28.63
N PHE B 259 5.41 -5.60 -29.35
CA PHE B 259 6.61 -4.83 -29.63
C PHE B 259 6.35 -3.66 -30.57
N TYR B 260 5.41 -3.80 -31.51
CA TYR B 260 5.09 -2.67 -32.38
C TYR B 260 4.41 -1.55 -31.61
N LEU B 261 3.48 -1.89 -30.72
CA LEU B 261 2.78 -0.87 -29.94
C LEU B 261 3.68 -0.24 -28.88
N ILE B 262 4.60 -1.01 -28.30
CA ILE B 262 5.57 -0.45 -27.37
C ILE B 262 6.51 0.52 -28.08
N ARG B 263 7.05 0.10 -29.24
CA ARG B 263 7.96 0.95 -30.01
C ARG B 263 7.26 2.15 -30.64
N LYS B 264 5.93 2.10 -30.78
CA LYS B 264 5.22 3.28 -31.25
C LYS B 264 5.01 4.28 -30.12
N GLN B 265 4.78 3.79 -28.89
CA GLN B 265 4.63 4.69 -27.76
C GLN B 265 5.97 5.30 -27.35
N LEU B 266 7.05 4.53 -27.41
CA LEU B 266 8.37 5.02 -27.04
C LEU B 266 9.00 5.91 -28.10
N ASN B 267 8.31 6.18 -29.21
CA ASN B 267 8.77 7.13 -30.22
C ASN B 267 7.80 8.30 -30.35
N LYS B 268 7.15 8.66 -29.26
CA LYS B 268 6.15 9.71 -29.29
C LYS B 268 6.60 10.91 -28.46
N LYS B 279 18.72 6.47 -24.80
CA LYS B 279 17.99 6.35 -23.54
C LYS B 279 16.67 5.62 -23.76
N TYR B 280 16.06 5.81 -24.92
CA TYR B 280 14.89 5.04 -25.31
C TYR B 280 15.24 3.83 -26.15
N TYR B 281 16.38 3.87 -26.85
CA TYR B 281 16.80 2.71 -27.64
C TYR B 281 17.25 1.56 -26.74
N GLY B 282 17.85 1.88 -25.59
CA GLY B 282 18.23 0.83 -24.65
C GLY B 282 17.05 0.13 -24.02
N LYS B 283 15.99 0.88 -23.69
CA LYS B 283 14.79 0.26 -23.16
C LYS B 283 14.06 -0.56 -24.22
N GLU B 284 14.07 -0.06 -25.46
CA GLU B 284 13.43 -0.80 -26.56
C GLU B 284 14.18 -2.08 -26.89
N LEU B 285 15.51 -2.04 -26.83
CA LEU B 285 16.31 -3.26 -27.06
C LEU B 285 16.15 -4.25 -25.92
N LYS B 286 16.00 -3.76 -24.69
CA LYS B 286 15.76 -4.65 -23.55
C LYS B 286 14.40 -5.31 -23.65
N ILE B 287 13.40 -4.59 -24.15
CA ILE B 287 12.06 -5.16 -24.33
C ILE B 287 12.08 -6.21 -25.43
N ALA B 288 12.80 -5.94 -26.54
CA ALA B 288 12.91 -6.92 -27.62
C ALA B 288 13.68 -8.15 -27.19
N LYS B 289 14.71 -7.98 -26.37
CA LYS B 289 15.46 -9.13 -25.87
C LYS B 289 14.63 -9.96 -24.90
N SER B 290 13.79 -9.29 -24.09
CA SER B 290 12.90 -10.02 -23.18
C SER B 290 11.84 -10.81 -23.93
N LEU B 291 11.22 -10.21 -24.94
CA LEU B 291 10.20 -10.90 -25.72
C LEU B 291 10.78 -12.05 -26.55
N ALA B 292 11.95 -11.84 -27.16
CA ALA B 292 12.57 -12.89 -27.95
C ALA B 292 13.08 -14.04 -27.09
N LEU B 293 13.49 -13.77 -25.86
CA LEU B 293 13.91 -14.83 -24.96
C LEU B 293 12.73 -15.72 -24.56
N ILE B 294 11.57 -15.10 -24.30
CA ILE B 294 10.37 -15.85 -23.92
C ILE B 294 9.91 -16.76 -25.06
N LEU B 295 9.88 -16.22 -26.28
CA LEU B 295 9.49 -17.02 -27.45
C LEU B 295 10.50 -18.11 -27.77
N PHE B 296 11.79 -17.85 -27.52
CA PHE B 296 12.80 -18.87 -27.78
C PHE B 296 12.73 -20.01 -26.78
N LEU B 297 12.41 -19.71 -25.51
CA LEU B 297 12.27 -20.79 -24.52
C LEU B 297 11.07 -21.67 -24.81
N PHE B 298 9.96 -21.10 -25.27
CA PHE B 298 8.80 -21.90 -25.63
C PHE B 298 9.09 -22.76 -26.85
N ALA B 299 9.75 -22.19 -27.86
CA ALA B 299 10.04 -22.93 -29.08
C ALA B 299 11.07 -24.03 -28.83
N LEU B 300 12.14 -23.73 -28.09
CA LEU B 300 13.16 -24.74 -27.79
C LEU B 300 12.61 -25.85 -26.89
N SER B 301 11.62 -25.55 -26.06
CA SER B 301 11.03 -26.59 -25.24
C SER B 301 10.05 -27.48 -26.00
N TRP B 302 9.14 -26.88 -26.76
CA TRP B 302 7.99 -27.63 -27.24
C TRP B 302 8.08 -28.07 -28.69
N LEU B 303 8.93 -27.46 -29.49
CA LEU B 303 9.08 -27.92 -30.87
C LEU B 303 9.96 -29.16 -31.10
N PRO B 304 11.07 -29.41 -30.37
CA PRO B 304 11.82 -30.67 -30.63
C PRO B 304 11.03 -31.95 -30.36
N LEU B 305 10.26 -32.01 -29.28
CA LEU B 305 9.51 -33.22 -28.98
C LEU B 305 8.40 -33.46 -30.00
N HIS B 306 7.74 -32.40 -30.45
CA HIS B 306 6.64 -32.55 -31.40
C HIS B 306 7.11 -32.67 -32.84
N ILE B 307 8.31 -32.21 -33.17
CA ILE B 307 8.88 -32.53 -34.47
C ILE B 307 9.22 -34.02 -34.55
N LEU B 308 9.70 -34.58 -33.44
CA LEU B 308 9.97 -36.02 -33.40
C LEU B 308 8.69 -36.85 -33.46
N ASN B 309 7.59 -36.36 -32.90
CA ASN B 309 6.32 -37.05 -33.03
C ASN B 309 5.81 -36.98 -34.46
N CYS B 310 5.99 -35.84 -35.12
CA CYS B 310 5.64 -35.72 -36.53
C CYS B 310 6.53 -36.57 -37.41
N ILE B 311 7.79 -36.75 -37.02
CA ILE B 311 8.69 -37.65 -37.73
C ILE B 311 8.22 -39.09 -37.56
N THR B 312 7.79 -39.46 -36.35
CA THR B 312 7.35 -40.82 -36.07
C THR B 312 6.07 -41.18 -36.83
N LEU B 313 5.12 -40.25 -36.91
CA LEU B 313 3.88 -40.55 -37.62
C LEU B 313 4.06 -40.52 -39.14
N PHE B 314 4.83 -39.56 -39.65
CA PHE B 314 4.81 -39.34 -41.10
C PHE B 314 5.88 -40.15 -41.83
N CYS B 315 7.06 -40.35 -41.24
CA CYS B 315 8.01 -41.31 -41.77
C CYS B 315 8.14 -42.48 -40.78
N PRO B 316 7.42 -43.59 -40.98
CA PRO B 316 7.58 -44.74 -40.09
C PRO B 316 8.78 -45.60 -40.45
N SER B 317 9.17 -45.62 -41.74
CA SER B 317 10.39 -46.28 -42.19
C SER B 317 11.54 -45.27 -42.21
N CYS B 318 11.82 -44.76 -41.02
CA CYS B 318 12.61 -43.54 -40.86
C CYS B 318 13.18 -43.53 -39.44
N HIS B 319 14.47 -43.77 -39.32
CA HIS B 319 15.09 -44.11 -38.04
C HIS B 319 15.60 -42.87 -37.32
N LYS B 320 15.51 -42.90 -35.99
CA LYS B 320 16.05 -41.87 -35.12
C LYS B 320 16.47 -42.54 -33.82
N PRO B 321 17.54 -42.04 -33.19
CA PRO B 321 18.01 -42.68 -31.94
C PRO B 321 17.10 -42.36 -30.77
N SER B 322 17.25 -43.14 -29.71
CA SER B 322 16.44 -42.94 -28.53
C SER B 322 16.99 -41.84 -27.63
N ILE B 323 18.28 -41.54 -27.72
CA ILE B 323 18.86 -40.44 -26.95
C ILE B 323 18.33 -39.11 -27.44
N LEU B 324 18.00 -39.03 -28.73
CA LEU B 324 17.38 -37.83 -29.29
C LEU B 324 15.98 -37.61 -28.73
N THR B 325 15.22 -38.69 -28.53
CA THR B 325 13.89 -38.56 -27.93
C THR B 325 13.98 -38.20 -26.45
N TYR B 326 14.96 -38.76 -25.73
CA TYR B 326 15.13 -38.42 -24.31
C TYR B 326 15.52 -36.95 -24.13
N ILE B 327 16.37 -36.43 -25.01
CA ILE B 327 16.78 -35.02 -24.94
C ILE B 327 15.57 -34.10 -25.15
N ALA B 328 14.72 -34.44 -26.11
CA ALA B 328 13.53 -33.65 -26.40
C ALA B 328 12.51 -33.69 -25.27
N ILE B 329 12.40 -34.81 -24.54
CA ILE B 329 11.41 -34.93 -23.48
C ILE B 329 11.72 -34.00 -22.30
N PHE B 330 12.98 -33.96 -21.85
CA PHE B 330 13.26 -33.09 -20.71
C PHE B 330 13.32 -31.62 -21.09
N LEU B 331 13.49 -31.30 -22.38
CA LEU B 331 13.33 -29.92 -22.82
C LEU B 331 11.90 -29.46 -22.61
N THR B 332 10.93 -30.32 -22.93
CA THR B 332 9.52 -30.05 -22.69
C THR B 332 9.24 -29.82 -21.21
N HIS B 333 9.84 -30.63 -20.34
CA HIS B 333 9.61 -30.51 -18.91
C HIS B 333 10.43 -29.39 -18.28
N GLY B 334 11.55 -29.03 -18.88
CA GLY B 334 12.35 -27.95 -18.34
C GLY B 334 11.93 -26.58 -18.77
N ASN B 335 10.87 -26.46 -19.59
CA ASN B 335 10.17 -25.19 -19.75
C ASN B 335 9.69 -24.67 -18.40
N SER B 336 9.20 -25.55 -17.53
CA SER B 336 8.63 -25.15 -16.26
C SER B 336 9.68 -24.78 -15.23
N ALA B 337 10.96 -25.09 -15.48
CA ALA B 337 12.01 -24.61 -14.61
C ALA B 337 12.37 -23.17 -14.91
N MET B 338 12.35 -22.80 -16.20
CA MET B 338 12.72 -21.47 -16.65
C MET B 338 11.53 -20.52 -16.72
N ASN B 339 10.37 -20.93 -16.22
CA ASN B 339 9.22 -20.02 -16.18
C ASN B 339 9.23 -19.01 -15.03
N PRO B 340 9.61 -19.32 -13.78
CA PRO B 340 9.65 -18.25 -12.77
C PRO B 340 10.77 -17.24 -12.96
N ILE B 341 11.73 -17.49 -13.85
CA ILE B 341 12.87 -16.59 -13.99
C ILE B 341 12.77 -15.67 -15.20
N VAL B 342 11.85 -15.92 -16.12
CA VAL B 342 11.64 -15.04 -17.27
C VAL B 342 10.26 -14.41 -17.27
N TYR B 343 9.35 -14.83 -16.40
CA TYR B 343 8.01 -14.29 -16.36
C TYR B 343 7.73 -13.51 -15.07
N ALA B 344 7.96 -14.12 -13.92
CA ALA B 344 7.70 -13.45 -12.66
C ALA B 344 8.90 -12.70 -12.14
N PHE B 345 10.11 -13.18 -12.37
CA PHE B 345 11.31 -12.51 -11.88
C PHE B 345 11.59 -11.20 -12.62
N ARG B 346 10.98 -10.99 -13.79
CA ARG B 346 11.15 -9.72 -14.48
C ARG B 346 10.31 -8.60 -13.88
N ILE B 347 9.33 -8.93 -13.06
CA ILE B 347 8.48 -7.91 -12.45
C ILE B 347 9.17 -7.36 -11.21
N GLN B 348 9.12 -6.04 -11.04
CA GLN B 348 9.80 -5.41 -9.92
C GLN B 348 9.05 -5.67 -8.60
N LYS B 349 7.72 -5.81 -8.66
CA LYS B 349 6.96 -6.12 -7.45
C LYS B 349 7.28 -7.52 -6.93
N PHE B 350 7.52 -8.48 -7.83
CA PHE B 350 7.91 -9.82 -7.41
C PHE B 350 9.29 -9.86 -6.78
N ARG B 351 10.22 -9.04 -7.28
CA ARG B 351 11.58 -9.07 -6.75
C ARG B 351 11.66 -8.43 -5.36
N VAL B 352 10.93 -7.35 -5.12
CA VAL B 352 10.87 -6.77 -3.78
C VAL B 352 10.02 -7.58 -2.82
N THR B 353 9.26 -8.56 -3.31
CA THR B 353 8.63 -9.54 -2.44
C THR B 353 9.55 -10.73 -2.16
N PHE B 354 10.42 -11.08 -3.12
CA PHE B 354 11.34 -12.20 -2.94
C PHE B 354 12.39 -11.89 -1.87
N LEU B 355 12.98 -10.70 -1.92
CA LEU B 355 14.01 -10.35 -0.95
C LEU B 355 13.46 -9.99 0.42
N LYS B 356 12.15 -9.81 0.56
CA LYS B 356 11.56 -9.62 1.88
C LYS B 356 10.84 -10.88 2.35
N LEU C 14 11.60 43.81 23.43
CA LEU C 14 11.76 42.48 22.85
C LEU C 14 12.98 41.85 23.52
N ASP C 15 13.90 42.71 23.95
CA ASP C 15 15.09 42.26 24.66
C ASP C 15 14.76 41.76 26.06
N GLN C 16 14.06 42.60 26.82
CA GLN C 16 13.73 42.31 28.22
C GLN C 16 12.81 41.10 28.38
N LEU C 17 11.82 40.93 27.49
CA LEU C 17 10.84 39.86 27.62
C LEU C 17 11.48 38.46 27.51
N ARG C 18 12.35 38.27 26.52
CA ARG C 18 13.00 36.97 26.32
C ARG C 18 13.96 36.63 27.45
N GLN C 19 14.71 37.61 27.98
CA GLN C 19 15.56 37.33 29.13
C GLN C 19 14.71 36.99 30.36
N GLU C 20 13.58 37.70 30.54
CA GLU C 20 12.66 37.42 31.64
C GLU C 20 12.06 36.02 31.47
N ALA C 21 11.72 35.66 30.24
CA ALA C 21 11.20 34.32 29.95
C ALA C 21 12.23 33.25 30.27
N GLU C 22 13.50 33.52 29.94
CA GLU C 22 14.58 32.58 30.21
C GLU C 22 14.71 32.27 31.70
N GLN C 23 14.54 33.29 32.55
CA GLN C 23 14.56 33.07 34.00
C GLN C 23 13.44 32.12 34.40
N LEU C 24 12.28 32.29 33.77
CA LEU C 24 11.11 31.44 34.01
C LEU C 24 11.39 30.00 33.60
N LYS C 25 12.04 29.80 32.44
CA LYS C 25 12.39 28.44 32.00
C LYS C 25 13.36 27.77 32.97
N ASN C 26 14.36 28.51 33.45
CA ASN C 26 15.31 27.98 34.42
C ASN C 26 14.64 27.60 35.74
N GLN C 27 13.72 28.46 36.21
CA GLN C 27 12.99 28.21 37.44
C GLN C 27 12.09 26.97 37.36
N ILE C 28 11.41 26.76 36.23
CA ILE C 28 10.58 25.56 36.08
C ILE C 28 11.43 24.30 36.10
N ARG C 29 12.59 24.34 35.42
CA ARG C 29 13.53 23.22 35.37
C ARG C 29 14.00 22.83 36.78
N ASP C 30 14.38 23.83 37.57
CA ASP C 30 14.78 23.58 38.95
C ASP C 30 13.62 23.00 39.76
N ALA C 31 12.42 23.54 39.56
CA ALA C 31 11.23 23.05 40.26
C ALA C 31 10.89 21.62 39.87
N ARG C 32 10.97 21.29 38.58
CA ARG C 32 10.70 19.95 38.09
C ARG C 32 11.70 18.94 38.67
N LYS C 33 13.00 19.29 38.65
CA LYS C 33 14.03 18.45 39.25
C LYS C 33 13.83 18.29 40.75
N ALA C 34 13.46 19.38 41.44
CA ALA C 34 13.25 19.42 42.90
C ALA C 34 12.40 18.25 43.41
N CYS C 35 11.32 17.93 42.69
CA CYS C 35 10.40 16.90 43.13
C CYS C 35 10.65 15.57 42.43
N ALA C 36 11.74 15.48 41.67
CA ALA C 36 12.23 14.23 41.09
C ALA C 36 13.11 13.47 42.09
N ASP C 37 12.48 13.01 43.19
CA ASP C 37 13.26 12.33 44.21
C ASP C 37 13.69 10.94 43.80
N ALA C 38 13.04 10.37 42.80
CA ALA C 38 13.38 9.06 42.28
C ALA C 38 12.94 9.00 40.82
N THR C 39 13.24 7.89 40.18
CA THR C 39 12.76 7.60 38.84
C THR C 39 11.80 6.42 38.95
N LEU C 40 10.80 6.43 38.06
CA LEU C 40 9.81 5.35 37.96
C LEU C 40 10.46 3.97 37.85
N SER C 41 11.57 3.87 37.10
CA SER C 41 12.22 2.60 36.86
C SER C 41 12.73 1.93 38.14
N GLN C 42 13.40 2.69 39.02
CA GLN C 42 13.90 2.08 40.25
C GLN C 42 12.78 1.84 41.25
N ILE C 43 11.72 2.65 41.23
CA ILE C 43 10.57 2.42 42.10
C ILE C 43 9.85 1.12 41.71
N THR C 44 9.78 0.83 40.41
CA THR C 44 9.03 -0.29 39.87
C THR C 44 9.89 -1.52 39.59
N ASN C 45 11.18 -1.50 39.96
CA ASN C 45 12.08 -2.62 39.69
C ASN C 45 11.64 -3.93 40.33
N ASN C 46 10.97 -3.87 41.49
CA ASN C 46 10.66 -5.09 42.23
C ASN C 46 9.47 -5.88 41.69
N ILE C 47 8.54 -5.26 40.95
CA ILE C 47 7.32 -5.97 40.57
C ILE C 47 7.64 -6.97 39.48
N ASP C 48 6.82 -8.02 39.39
CA ASP C 48 7.02 -9.06 38.40
C ASP C 48 6.80 -8.50 36.99
N PRO C 49 7.65 -8.87 36.03
CA PRO C 49 7.43 -8.45 34.65
C PRO C 49 6.21 -9.12 34.04
N VAL C 50 5.58 -8.40 33.12
CA VAL C 50 4.40 -8.89 32.41
C VAL C 50 4.75 -10.13 31.58
N GLY C 51 5.93 -10.13 30.98
CA GLY C 51 6.38 -11.25 30.17
C GLY C 51 5.88 -11.11 28.75
N ARG C 52 6.21 -12.12 27.93
CA ARG C 52 5.82 -12.07 26.52
C ARG C 52 4.30 -12.17 26.34
N ILE C 53 3.78 -11.29 25.49
CA ILE C 53 2.37 -11.25 25.13
C ILE C 53 2.28 -11.58 23.65
N GLN C 54 1.45 -12.57 23.29
CA GLN C 54 1.40 -13.07 21.91
C GLN C 54 -0.08 -12.98 21.52
N MET C 55 -0.51 -11.74 21.26
CA MET C 55 -1.85 -11.48 20.78
C MET C 55 -2.01 -11.99 19.36
N ARG C 56 -3.08 -12.72 19.10
CA ARG C 56 -3.37 -13.23 17.77
C ARG C 56 -4.46 -12.37 17.15
N THR C 57 -4.42 -12.24 15.81
CA THR C 57 -5.47 -11.58 15.07
C THR C 57 -6.76 -12.40 15.15
N ARG C 58 -7.81 -11.81 15.73
CA ARG C 58 -9.09 -12.49 15.83
C ARG C 58 -10.07 -12.12 14.73
N ARG C 59 -9.86 -11.00 14.05
CA ARG C 59 -10.70 -10.54 12.95
C ARG C 59 -9.81 -9.74 12.03
N THR C 60 -10.05 -9.85 10.73
CA THR C 60 -9.48 -8.92 9.76
C THR C 60 -10.65 -8.22 9.08
N LEU C 61 -10.71 -6.90 9.25
CA LEU C 61 -11.81 -6.13 8.69
C LEU C 61 -11.43 -5.69 7.29
N ARG C 62 -12.09 -6.28 6.29
CA ARG C 62 -11.79 -6.08 4.88
C ARG C 62 -12.90 -5.25 4.25
N GLY C 63 -12.53 -4.35 3.34
CA GLY C 63 -13.54 -3.63 2.60
C GLY C 63 -13.12 -2.23 2.21
N HIS C 64 -12.22 -1.62 2.98
CA HIS C 64 -11.60 -0.39 2.54
C HIS C 64 -10.73 -0.65 1.32
N LEU C 65 -10.62 0.34 0.45
CA LEU C 65 -9.87 0.19 -0.79
C LEU C 65 -8.76 1.23 -0.93
N ALA C 66 -8.34 1.83 0.17
CA ALA C 66 -7.23 2.77 0.21
C ALA C 66 -6.68 2.76 1.62
N LYS C 67 -5.72 3.64 1.89
CA LYS C 67 -5.08 3.74 3.20
C LYS C 67 -6.10 4.10 4.27
N ILE C 68 -6.00 3.45 5.42
CA ILE C 68 -6.78 3.84 6.59
C ILE C 68 -5.95 4.82 7.39
N TYR C 69 -6.56 5.95 7.76
CA TYR C 69 -5.86 6.99 8.52
C TYR C 69 -6.33 7.12 9.96
N ALA C 70 -7.50 6.61 10.30
CA ALA C 70 -8.00 6.77 11.65
C ALA C 70 -9.06 5.71 11.93
N MET C 71 -9.25 5.45 13.21
CA MET C 71 -10.35 4.62 13.69
C MET C 71 -10.67 5.04 15.11
N HIS C 72 -11.85 4.64 15.57
CA HIS C 72 -12.23 4.92 16.95
C HIS C 72 -13.28 3.91 17.37
N TRP C 73 -13.03 3.23 18.49
CA TRP C 73 -14.02 2.34 19.08
C TRP C 73 -15.18 3.14 19.65
N GLY C 74 -16.38 2.64 19.46
CA GLY C 74 -17.50 3.12 20.22
C GLY C 74 -17.43 2.72 21.68
N THR C 75 -18.20 3.41 22.50
CA THR C 75 -18.14 3.16 23.95
C THR C 75 -18.86 1.88 24.35
N ASP C 76 -19.59 1.24 23.44
CA ASP C 76 -20.21 -0.05 23.68
C ASP C 76 -19.25 -1.22 23.44
N SER C 77 -18.00 -0.93 23.06
CA SER C 77 -16.93 -1.89 22.81
C SER C 77 -17.22 -2.89 21.70
N ARG C 78 -18.18 -2.60 20.83
CA ARG C 78 -18.53 -3.54 19.78
C ARG C 78 -18.45 -2.87 18.41
N LEU C 79 -19.09 -1.72 18.28
CA LEU C 79 -19.01 -0.92 17.08
C LEU C 79 -17.71 -0.14 17.03
N LEU C 80 -17.21 0.07 15.81
CA LEU C 80 -16.08 0.96 15.61
C LEU C 80 -16.28 1.63 14.26
N VAL C 81 -15.69 2.81 14.12
CA VAL C 81 -15.76 3.61 12.90
C VAL C 81 -14.36 3.67 12.32
N SER C 82 -14.26 3.64 10.99
CA SER C 82 -12.96 3.77 10.34
C SER C 82 -13.03 4.79 9.22
N ALA C 83 -11.91 5.47 9.00
CA ALA C 83 -11.82 6.53 8.00
C ALA C 83 -10.69 6.20 7.05
N SER C 84 -10.97 6.27 5.75
CA SER C 84 -10.01 5.89 4.73
C SER C 84 -10.00 6.91 3.60
N GLN C 85 -8.89 6.96 2.88
CA GLN C 85 -8.74 7.81 1.71
C GLN C 85 -9.56 7.36 0.51
N ASP C 86 -10.32 6.26 0.57
CA ASP C 86 -11.29 5.94 -0.46
C ASP C 86 -12.59 6.72 -0.37
N GLY C 87 -12.67 7.72 0.51
CA GLY C 87 -13.89 8.49 0.66
C GLY C 87 -15.00 7.80 1.40
N LYS C 88 -14.69 6.76 2.17
CA LYS C 88 -15.69 6.01 2.92
C LYS C 88 -15.41 6.09 4.40
N LEU C 89 -16.46 6.33 5.17
CA LEU C 89 -16.46 6.16 6.62
C LEU C 89 -17.29 4.91 6.89
N ILE C 90 -16.65 3.84 7.34
CA ILE C 90 -17.32 2.57 7.54
C ILE C 90 -17.46 2.34 9.03
N ILE C 91 -18.67 1.99 9.47
CA ILE C 91 -18.91 1.54 10.82
C ILE C 91 -19.03 0.04 10.80
N TRP C 92 -18.21 -0.64 11.60
CA TRP C 92 -18.14 -2.10 11.62
C TRP C 92 -18.75 -2.60 12.90
N ASP C 93 -19.51 -3.69 12.82
CA ASP C 93 -19.80 -4.51 13.98
C ASP C 93 -18.63 -5.48 14.07
N SER C 94 -17.70 -5.21 14.99
CA SER C 94 -16.45 -5.97 15.06
C SER C 94 -16.64 -7.40 15.53
N TYR C 95 -17.74 -7.71 16.22
CA TYR C 95 -17.99 -9.09 16.67
C TYR C 95 -18.32 -10.00 15.51
N THR C 96 -19.17 -9.54 14.59
CA THR C 96 -19.66 -10.33 13.47
C THR C 96 -18.91 -10.09 12.15
N THR C 97 -18.11 -9.02 12.05
CA THR C 97 -17.44 -8.41 10.89
C THR C 97 -18.45 -7.69 9.97
N ASN C 98 -19.74 -7.67 10.33
CA ASN C 98 -20.74 -6.93 9.57
C ASN C 98 -20.43 -5.44 9.51
N LYS C 99 -20.60 -4.86 8.32
CA LYS C 99 -20.60 -3.42 8.15
C LYS C 99 -21.98 -2.87 8.52
N VAL C 100 -22.02 -1.98 9.51
CA VAL C 100 -23.29 -1.38 9.90
C VAL C 100 -23.65 -0.22 8.98
N HIS C 101 -22.69 0.66 8.71
CA HIS C 101 -22.90 1.77 7.79
C HIS C 101 -21.63 1.96 6.97
N ALA C 102 -21.81 2.41 5.74
CA ALA C 102 -20.74 2.93 4.91
C ALA C 102 -21.12 4.34 4.50
N ILE C 103 -20.43 5.33 5.06
CA ILE C 103 -20.82 6.72 4.92
C ILE C 103 -20.00 7.33 3.79
N PRO C 104 -20.63 7.87 2.75
CA PRO C 104 -19.85 8.48 1.66
C PRO C 104 -19.43 9.90 2.00
N LEU C 105 -18.12 10.15 1.92
CA LEU C 105 -17.55 11.40 2.36
C LEU C 105 -17.53 12.40 1.21
N ARG C 106 -17.83 13.66 1.52
CA ARG C 106 -17.76 14.71 0.50
C ARG C 106 -16.33 14.98 0.08
N SER C 107 -15.40 14.91 1.01
CA SER C 107 -13.98 15.00 0.72
C SER C 107 -13.29 13.73 1.19
N SER C 108 -12.49 13.14 0.32
CA SER C 108 -11.86 11.87 0.63
C SER C 108 -10.56 12.02 1.38
N TRP C 109 -10.09 13.26 1.60
CA TRP C 109 -8.76 13.47 2.18
C TRP C 109 -8.84 13.57 3.70
N VAL C 110 -9.35 12.54 4.28
CA VAL C 110 -9.64 12.53 5.71
C VAL C 110 -8.40 12.13 6.48
N MET C 111 -8.28 12.64 7.69
CA MET C 111 -7.18 12.31 8.57
C MET C 111 -7.63 11.84 9.95
N THR C 112 -8.89 12.05 10.31
CA THR C 112 -9.37 11.73 11.65
C THR C 112 -10.82 11.32 11.59
N CYS C 113 -11.22 10.50 12.57
CA CYS C 113 -12.63 10.21 12.81
C CYS C 113 -12.84 9.98 14.29
N ALA C 114 -14.10 10.05 14.70
CA ALA C 114 -14.45 9.87 16.10
C ALA C 114 -15.86 9.30 16.17
N TYR C 115 -16.09 8.47 17.19
CA TYR C 115 -17.40 7.92 17.48
C TYR C 115 -17.91 8.61 18.73
N ALA C 116 -19.11 9.18 18.66
CA ALA C 116 -19.70 9.80 19.84
C ALA C 116 -20.01 8.76 20.90
N PRO C 117 -19.80 9.08 22.19
CA PRO C 117 -20.10 8.11 23.27
C PRO C 117 -21.53 7.65 23.32
N SER C 118 -22.48 8.48 22.87
CA SER C 118 -23.88 8.06 22.83
C SER C 118 -24.14 7.02 21.74
N GLY C 119 -23.24 6.89 20.77
CA GLY C 119 -23.49 6.12 19.58
C GLY C 119 -24.34 6.79 18.54
N ASN C 120 -24.78 8.03 18.78
CA ASN C 120 -25.69 8.72 17.89
C ASN C 120 -24.99 9.44 16.75
N TYR C 121 -23.68 9.67 16.84
CA TYR C 121 -23.00 10.52 15.89
C TYR C 121 -21.61 9.98 15.61
N VAL C 122 -21.13 10.25 14.40
CA VAL C 122 -19.72 10.15 14.10
C VAL C 122 -19.26 11.51 13.59
N ALA C 123 -17.95 11.70 13.58
CA ALA C 123 -17.33 12.91 13.07
C ALA C 123 -16.17 12.49 12.19
N CYS C 124 -15.83 13.34 11.24
CA CYS C 124 -14.76 13.02 10.30
C CYS C 124 -14.28 14.31 9.67
N GLY C 125 -13.00 14.35 9.34
CA GLY C 125 -12.47 15.51 8.64
C GLY C 125 -11.00 15.33 8.34
N GLY C 126 -10.44 16.34 7.69
CA GLY C 126 -9.09 16.22 7.18
C GLY C 126 -8.61 17.44 6.44
N LEU C 127 -8.08 17.25 5.23
CA LEU C 127 -7.53 18.33 4.43
C LEU C 127 -8.56 19.30 3.88
N ASP C 128 -9.86 19.02 4.03
CA ASP C 128 -10.87 20.01 3.70
C ASP C 128 -11.05 21.11 4.74
N ASN C 129 -10.35 21.01 5.88
CA ASN C 129 -10.38 21.92 7.02
C ASN C 129 -11.76 21.97 7.68
N ILE C 130 -12.56 20.92 7.51
CA ILE C 130 -13.94 20.88 7.97
C ILE C 130 -14.10 19.66 8.88
N CYS C 131 -14.78 19.83 10.00
CA CYS C 131 -15.22 18.71 10.84
C CYS C 131 -16.69 18.45 10.58
N SER C 132 -17.00 17.37 9.86
CA SER C 132 -18.37 17.05 9.50
C SER C 132 -18.97 16.08 10.52
N ILE C 133 -20.18 16.38 10.98
CA ILE C 133 -20.89 15.57 11.96
C ILE C 133 -21.99 14.81 11.24
N TYR C 134 -22.09 13.51 11.49
CA TYR C 134 -23.03 12.64 10.80
C TYR C 134 -23.95 12.00 11.82
N ASN C 135 -25.26 12.16 11.63
CA ASN C 135 -26.24 11.61 12.56
C ASN C 135 -26.53 10.17 12.13
N LEU C 136 -26.28 9.22 13.02
CA LEU C 136 -26.47 7.81 12.70
C LEU C 136 -27.89 7.33 12.95
N LYS C 137 -28.74 8.15 13.55
CA LYS C 137 -30.07 7.70 13.96
C LYS C 137 -31.16 8.58 13.36
N THR C 138 -31.13 8.75 12.03
CA THR C 138 -32.09 9.60 11.37
C THR C 138 -33.39 8.85 11.08
N ASN C 142 -31.20 6.87 5.83
CA ASN C 142 -29.75 6.76 5.70
C ASN C 142 -29.06 7.83 6.55
N VAL C 143 -27.73 7.76 6.64
CA VAL C 143 -26.96 8.72 7.42
C VAL C 143 -26.63 9.93 6.55
N ARG C 144 -26.93 11.12 7.06
CA ARG C 144 -26.67 12.37 6.35
C ARG C 144 -25.89 13.32 7.24
N VAL C 145 -25.10 14.18 6.60
CA VAL C 145 -24.40 15.27 7.28
C VAL C 145 -25.39 16.20 7.97
N SER C 146 -25.26 16.32 9.29
CA SER C 146 -26.07 17.26 10.06
C SER C 146 -25.39 18.60 10.30
N ARG C 147 -24.05 18.61 10.35
CA ARG C 147 -23.27 19.83 10.55
C ARG C 147 -21.91 19.71 9.89
N GLU C 148 -21.44 20.80 9.30
CA GLU C 148 -20.05 20.95 8.87
C GLU C 148 -19.44 22.11 9.65
N LEU C 149 -18.56 21.78 10.60
CA LEU C 149 -17.94 22.77 11.47
C LEU C 149 -16.78 23.43 10.76
N ALA C 150 -16.98 24.69 10.35
CA ALA C 150 -16.03 25.45 9.55
C ALA C 150 -15.40 26.54 10.39
N GLY C 151 -14.14 26.83 10.12
CA GLY C 151 -13.45 27.89 10.84
C GLY C 151 -11.97 27.67 11.06
N HIS C 152 -11.52 26.42 11.12
CA HIS C 152 -10.10 26.13 11.09
C HIS C 152 -9.48 26.56 9.76
N THR C 153 -8.21 26.97 9.81
CA THR C 153 -7.49 27.41 8.62
C THR C 153 -6.38 26.45 8.22
N GLY C 154 -6.27 25.29 8.89
CA GLY C 154 -5.40 24.21 8.47
C GLY C 154 -6.15 22.90 8.60
N TYR C 155 -5.47 21.82 8.21
CA TYR C 155 -6.12 20.50 8.14
C TYR C 155 -6.63 20.08 9.51
N LEU C 156 -7.73 19.34 9.53
CA LEU C 156 -8.21 18.78 10.79
C LEU C 156 -7.43 17.51 11.09
N SER C 157 -6.68 17.50 12.18
CA SER C 157 -5.83 16.36 12.52
C SER C 157 -6.44 15.41 13.54
N CYS C 158 -7.39 15.87 14.34
CA CYS C 158 -7.97 15.05 15.39
C CYS C 158 -9.26 15.70 15.86
N CYS C 159 -10.15 14.88 16.42
CA CYS C 159 -11.40 15.37 16.98
C CYS C 159 -11.92 14.33 17.97
N ARG C 160 -12.56 14.83 19.03
CA ARG C 160 -13.01 14.00 20.14
C ARG C 160 -14.28 14.57 20.74
N PHE C 161 -15.26 13.71 21.02
CA PHE C 161 -16.55 14.14 21.51
C PHE C 161 -16.59 14.18 23.03
N LEU C 162 -16.78 15.38 23.59
CA LEU C 162 -17.07 15.47 25.02
C LEU C 162 -18.40 14.81 25.32
N ASP C 163 -19.38 15.06 24.45
CA ASP C 163 -20.72 14.52 24.49
C ASP C 163 -21.25 14.66 23.07
N ASP C 164 -22.51 14.32 22.88
CA ASP C 164 -23.15 14.52 21.57
C ASP C 164 -23.15 16.00 21.16
N ASN C 165 -23.43 16.89 22.11
CA ASN C 165 -23.54 18.32 21.81
C ASN C 165 -22.19 18.97 21.46
N GLN C 166 -21.11 18.58 22.14
CA GLN C 166 -19.83 19.29 22.03
C GLN C 166 -18.70 18.39 21.53
N ILE C 167 -17.86 18.92 20.64
CA ILE C 167 -16.70 18.19 20.12
C ILE C 167 -15.45 19.06 20.05
N VAL C 168 -14.37 18.61 20.68
CA VAL C 168 -13.11 19.33 20.63
C VAL C 168 -12.35 18.91 19.40
N THR C 169 -11.70 19.87 18.73
CA THR C 169 -10.99 19.58 17.49
C THR C 169 -9.54 20.04 17.60
N SER C 170 -8.68 19.39 16.83
CA SER C 170 -7.30 19.83 16.64
C SER C 170 -7.04 20.10 15.18
N SER C 171 -6.10 20.99 14.92
CA SER C 171 -5.89 21.46 13.57
C SER C 171 -4.42 21.76 13.32
N GLY C 172 -3.99 21.56 12.07
CA GLY C 172 -2.70 22.01 11.56
C GLY C 172 -2.45 23.51 11.62
N ASP C 173 -3.48 24.33 11.84
CA ASP C 173 -3.28 25.77 11.99
C ASP C 173 -2.65 26.22 13.35
N THR C 174 -2.21 25.27 14.19
CA THR C 174 -1.56 25.39 15.51
C THR C 174 -2.56 25.67 16.62
N THR C 175 -3.85 25.66 16.34
CA THR C 175 -4.86 25.87 17.36
C THR C 175 -5.65 24.59 17.61
N CYS C 176 -6.29 24.55 18.76
CA CYS C 176 -7.40 23.64 19.02
C CYS C 176 -8.65 24.46 19.30
N ALA C 177 -9.81 23.82 19.19
CA ALA C 177 -11.06 24.53 19.35
C ALA C 177 -12.11 23.62 19.94
N LEU C 178 -12.98 24.19 20.77
CA LEU C 178 -14.19 23.55 21.25
C LEU C 178 -15.38 24.07 20.47
N TRP C 179 -16.19 23.16 19.94
CA TRP C 179 -17.31 23.53 19.09
C TRP C 179 -18.61 23.17 19.78
N ASP C 180 -19.60 24.05 19.65
CA ASP C 180 -21.00 23.74 19.92
C ASP C 180 -21.63 23.29 18.61
N ILE C 181 -21.96 22.01 18.50
CA ILE C 181 -22.41 21.43 17.23
C ILE C 181 -23.76 22.01 16.79
N GLU C 182 -24.72 22.13 17.72
CA GLU C 182 -26.04 22.69 17.39
C GLU C 182 -25.95 24.09 16.79
N THR C 183 -25.17 24.99 17.39
CA THR C 183 -25.10 26.33 16.84
C THR C 183 -24.00 26.51 15.81
N GLY C 184 -23.06 25.56 15.71
CA GLY C 184 -21.95 25.64 14.78
C GLY C 184 -20.79 26.58 15.09
N GLN C 185 -20.68 27.12 16.30
CA GLN C 185 -19.64 28.10 16.63
C GLN C 185 -18.53 27.47 17.45
N GLN C 186 -17.30 27.92 17.19
CA GLN C 186 -16.20 27.73 18.14
C GLN C 186 -16.54 28.47 19.42
N THR C 187 -16.79 27.75 20.50
CA THR C 187 -17.14 28.42 21.73
C THR C 187 -15.92 28.67 22.61
N THR C 188 -14.90 27.83 22.51
CA THR C 188 -13.63 28.08 23.17
C THR C 188 -12.52 27.75 22.17
N THR C 189 -11.49 28.58 22.12
CA THR C 189 -10.35 28.33 21.26
C THR C 189 -9.15 28.07 22.16
N PHE C 190 -8.16 27.32 21.66
CA PHE C 190 -6.97 26.97 22.42
C PHE C 190 -5.73 27.31 21.60
N THR C 191 -5.14 28.46 21.88
CA THR C 191 -3.97 28.95 21.15
C THR C 191 -2.76 28.94 22.08
N GLY C 192 -1.59 28.75 21.49
CA GLY C 192 -0.36 28.74 22.27
C GLY C 192 0.67 27.79 21.74
N HIS C 193 0.24 26.74 21.05
CA HIS C 193 1.16 25.91 20.28
C HIS C 193 1.83 26.74 19.19
N THR C 194 3.09 26.40 18.90
CA THR C 194 3.85 27.08 17.87
C THR C 194 4.12 26.20 16.66
N GLY C 195 3.50 25.01 16.60
CA GLY C 195 3.58 24.16 15.43
C GLY C 195 2.28 23.41 15.27
N ASP C 196 2.15 22.75 14.11
CA ASP C 196 0.98 21.96 13.74
C ASP C 196 0.59 21.02 14.86
N VAL C 197 -0.68 21.05 15.27
CA VAL C 197 -1.17 20.13 16.28
C VAL C 197 -1.64 18.84 15.59
N MET C 198 -1.08 17.71 16.00
CA MET C 198 -1.29 16.45 15.31
C MET C 198 -2.29 15.52 15.99
N SER C 199 -2.54 15.69 17.29
CA SER C 199 -3.29 14.70 18.04
C SER C 199 -3.73 15.29 19.37
N LEU C 200 -4.88 14.83 19.86
CA LEU C 200 -5.38 15.24 21.16
C LEU C 200 -6.00 14.03 21.82
N SER C 201 -6.14 14.12 23.15
CA SER C 201 -6.70 13.02 23.91
C SER C 201 -7.50 13.58 25.07
N LEU C 202 -8.76 13.15 25.16
CA LEU C 202 -9.65 13.63 26.20
C LEU C 202 -9.41 12.88 27.51
N ALA C 203 -9.40 13.64 28.61
CA ALA C 203 -9.36 13.04 29.93
C ALA C 203 -10.64 12.23 30.17
N PRO C 204 -10.57 11.19 31.02
CA PRO C 204 -11.77 10.40 31.35
C PRO C 204 -12.94 11.21 31.90
N ASP C 205 -12.69 12.25 32.69
CA ASP C 205 -13.76 13.11 33.17
C ASP C 205 -14.13 14.22 32.19
N THR C 206 -13.47 14.28 31.03
CA THR C 206 -13.71 15.22 29.92
C THR C 206 -13.58 16.69 30.31
N ARG C 207 -12.99 17.01 31.47
CA ARG C 207 -12.75 18.39 31.84
C ARG C 207 -11.41 18.92 31.33
N LEU C 208 -10.48 18.03 31.01
CA LEU C 208 -9.17 18.42 30.49
C LEU C 208 -8.92 17.65 29.20
N PHE C 209 -8.06 18.21 28.36
CA PHE C 209 -7.48 17.44 27.26
C PHE C 209 -6.03 17.86 27.09
N VAL C 210 -5.26 16.94 26.50
CA VAL C 210 -3.86 17.19 26.16
C VAL C 210 -3.75 17.18 24.65
N SER C 211 -2.82 17.95 24.13
CA SER C 211 -2.58 18.04 22.70
C SER C 211 -1.11 17.81 22.43
N GLY C 212 -0.80 17.25 21.28
CA GLY C 212 0.58 17.06 20.85
C GLY C 212 0.83 17.77 19.53
N ALA C 213 1.98 18.41 19.43
CA ALA C 213 2.23 19.28 18.29
C ALA C 213 3.60 19.01 17.69
N CYS C 214 3.84 19.60 16.53
CA CYS C 214 5.11 19.52 15.83
C CYS C 214 6.18 20.45 16.39
N ASP C 215 5.89 21.21 17.44
CA ASP C 215 6.93 21.90 18.20
C ASP C 215 7.58 21.04 19.27
N ALA C 216 7.33 19.72 19.24
CA ALA C 216 7.87 18.71 20.16
C ALA C 216 7.38 18.90 21.59
N SER C 217 6.33 19.67 21.81
CA SER C 217 5.78 19.88 23.14
C SER C 217 4.37 19.29 23.22
N ALA C 218 3.98 18.92 24.44
CA ALA C 218 2.60 18.60 24.76
C ALA C 218 2.06 19.65 25.73
N LYS C 219 0.78 19.99 25.60
CA LYS C 219 0.15 21.01 26.43
C LYS C 219 -1.13 20.45 27.03
N LEU C 220 -1.34 20.68 28.32
CA LEU C 220 -2.57 20.32 28.99
C LEU C 220 -3.52 21.51 29.02
N TRP C 221 -4.73 21.31 28.53
CA TRP C 221 -5.70 22.40 28.40
C TRP C 221 -6.89 22.09 29.29
N ASP C 222 -7.40 23.12 29.96
CA ASP C 222 -8.64 23.05 30.71
C ASP C 222 -9.77 23.58 29.84
N VAL C 223 -10.74 22.70 29.53
CA VAL C 223 -11.77 22.99 28.54
C VAL C 223 -12.59 24.22 28.91
N ARG C 224 -13.10 24.29 30.14
CA ARG C 224 -14.02 25.39 30.46
C ARG C 224 -13.33 26.73 30.74
N GLU C 225 -12.07 26.75 31.20
CA GLU C 225 -11.41 28.04 31.38
C GLU C 225 -10.72 28.50 30.11
N GLY C 226 -10.48 27.59 29.18
CA GLY C 226 -9.91 27.90 27.87
C GLY C 226 -8.48 28.38 27.74
N MET C 227 -7.56 27.84 28.53
CA MET C 227 -6.15 28.24 28.42
C MET C 227 -5.30 27.07 28.85
N CYS C 228 -3.99 27.19 28.61
CA CYS C 228 -3.04 26.12 28.87
C CYS C 228 -2.55 26.18 30.30
N ARG C 229 -2.80 25.11 31.06
CA ARG C 229 -2.36 25.03 32.44
C ARG C 229 -0.90 24.61 32.54
N GLN C 230 -0.48 23.65 31.73
CA GLN C 230 0.85 23.06 31.83
C GLN C 230 1.34 22.70 30.43
N THR C 231 2.65 22.73 30.25
CA THR C 231 3.28 22.38 28.98
C THR C 231 4.41 21.41 29.22
N PHE C 232 4.45 20.35 28.43
CA PHE C 232 5.37 19.23 28.64
C PHE C 232 6.27 19.12 27.43
N THR C 233 7.57 19.28 27.64
CA THR C 233 8.58 19.16 26.60
C THR C 233 9.49 17.99 26.92
N GLY C 234 10.42 17.71 26.01
CA GLY C 234 11.30 16.58 26.20
C GLY C 234 11.56 15.80 24.93
N HIS C 235 10.55 15.70 24.07
CA HIS C 235 10.72 15.03 22.79
C HIS C 235 11.63 15.84 21.87
N GLU C 236 12.32 15.12 21.00
CA GLU C 236 13.28 15.72 20.07
C GLU C 236 12.69 16.03 18.71
N SER C 237 11.47 15.58 18.41
CA SER C 237 10.84 15.86 17.12
C SER C 237 9.33 15.84 17.32
N ASP C 238 8.60 15.87 16.19
CA ASP C 238 7.15 15.98 16.15
C ASP C 238 6.46 14.93 17.01
N ILE C 239 5.41 15.34 17.72
CA ILE C 239 4.55 14.41 18.44
C ILE C 239 3.36 14.07 17.55
N ASN C 240 3.30 12.81 17.11
CA ASN C 240 2.23 12.37 16.24
C ASN C 240 1.03 11.84 17.00
N ALA C 241 1.18 11.52 18.27
CA ALA C 241 0.15 10.79 18.98
C ALA C 241 0.23 11.07 20.47
N ILE C 242 -0.92 10.95 21.14
CA ILE C 242 -0.99 11.24 22.57
C ILE C 242 -2.22 10.53 23.10
N CYS C 243 -2.12 10.06 24.34
CA CYS C 243 -3.22 9.31 24.97
C CYS C 243 -3.09 9.43 26.48
N PHE C 244 -4.21 9.69 27.15
CA PHE C 244 -4.22 9.74 28.61
C PHE C 244 -4.03 8.36 29.22
N PHE C 245 -3.30 8.31 30.31
CA PHE C 245 -3.33 7.16 31.19
C PHE C 245 -4.74 7.06 31.80
N PRO C 246 -5.27 5.85 32.01
CA PRO C 246 -6.71 5.70 32.32
C PRO C 246 -7.22 6.41 33.57
N ASN C 247 -6.39 6.68 34.58
CA ASN C 247 -6.88 7.43 35.72
C ASN C 247 -6.84 8.95 35.54
N GLY C 248 -6.40 9.43 34.37
CA GLY C 248 -6.44 10.83 34.05
C GLY C 248 -5.34 11.66 34.67
N ASN C 249 -4.40 11.04 35.36
CA ASN C 249 -3.33 11.75 36.06
C ASN C 249 -2.00 11.71 35.31
N ALA C 250 -1.96 11.07 34.15
CA ALA C 250 -0.75 10.98 33.35
C ALA C 250 -1.14 10.76 31.90
N PHE C 251 -0.16 10.86 31.01
CA PHE C 251 -0.41 10.60 29.60
C PHE C 251 0.89 10.18 28.93
N ALA C 252 0.75 9.60 27.75
CA ALA C 252 1.89 9.13 26.96
C ALA C 252 1.85 9.79 25.60
N THR C 253 3.03 10.03 25.04
CA THR C 253 3.18 10.64 23.73
C THR C 253 3.92 9.68 22.80
N GLY C 254 3.72 9.85 21.51
CA GLY C 254 4.50 9.11 20.52
C GLY C 254 5.05 10.04 19.46
N SER C 255 6.32 9.84 19.12
CA SER C 255 7.06 10.82 18.35
C SER C 255 7.81 10.18 17.19
N ASP C 256 8.16 11.03 16.23
CA ASP C 256 9.05 10.68 15.12
C ASP C 256 10.47 10.37 15.55
N ASP C 257 10.88 10.68 16.78
CA ASP C 257 12.21 10.34 17.25
C ASP C 257 12.33 8.90 17.75
N ALA C 258 11.32 8.05 17.47
CA ALA C 258 11.24 6.62 17.75
C ALA C 258 11.05 6.31 19.23
N THR C 259 10.81 7.31 20.08
CA THR C 259 10.56 7.06 21.49
C THR C 259 9.11 7.38 21.83
N CYS C 260 8.60 6.67 22.82
CA CYS C 260 7.45 7.13 23.58
C CYS C 260 7.93 7.65 24.93
N ARG C 261 7.15 8.56 25.50
CA ARG C 261 7.47 9.10 26.81
C ARG C 261 6.20 9.19 27.62
N LEU C 262 6.31 8.93 28.91
CA LEU C 262 5.18 9.06 29.83
C LEU C 262 5.36 10.35 30.62
N PHE C 263 4.32 11.17 30.65
CA PHE C 263 4.35 12.44 31.36
C PHE C 263 3.29 12.42 32.45
N ASP C 264 3.64 12.96 33.61
CA ASP C 264 2.74 12.99 34.76
C ASP C 264 2.28 14.43 34.95
N LEU C 265 0.97 14.62 35.13
CA LEU C 265 0.42 15.96 35.27
C LEU C 265 0.86 16.61 36.57
N ARG C 266 0.64 15.92 37.69
CA ARG C 266 0.90 16.51 39.00
C ARG C 266 2.39 16.68 39.29
N ALA C 267 3.25 15.80 38.76
CA ALA C 267 4.68 16.04 38.89
C ALA C 267 5.26 16.91 37.78
N ASP C 268 4.48 17.16 36.72
CA ASP C 268 4.74 18.16 35.67
C ASP C 268 6.09 17.88 35.00
N GLN C 269 6.32 16.61 34.65
CA GLN C 269 7.57 16.20 34.01
C GLN C 269 7.45 14.78 33.48
N GLU C 270 8.42 14.42 32.65
CA GLU C 270 8.54 13.08 32.09
C GLU C 270 8.90 12.08 33.18
N LEU C 271 8.28 10.90 33.13
CA LEU C 271 8.56 9.86 34.10
C LEU C 271 9.34 8.69 33.53
N MET C 272 9.26 8.45 32.23
CA MET C 272 9.78 7.24 31.62
C MET C 272 9.84 7.44 30.11
N THR C 273 10.82 6.80 29.47
CA THR C 273 10.96 6.79 28.03
C THR C 273 10.87 5.34 27.58
N TYR C 274 10.21 5.10 26.44
CA TYR C 274 10.03 3.75 25.92
C TYR C 274 10.61 3.69 24.51
N SER C 275 11.77 3.05 24.39
CA SER C 275 12.48 3.01 23.11
C SER C 275 13.46 1.85 23.12
N HIS C 276 13.79 1.38 21.92
CA HIS C 276 14.84 0.40 21.69
C HIS C 276 15.78 0.90 20.60
N ASP C 277 17.06 0.57 20.74
CA ASP C 277 18.08 1.01 19.80
C ASP C 277 17.81 0.46 18.40
N ASN C 278 17.17 -0.70 18.30
CA ASN C 278 16.86 -1.34 17.03
C ASN C 278 15.47 -0.89 16.54
N ILE C 279 14.89 0.12 17.17
CA ILE C 279 13.68 0.78 16.72
C ILE C 279 14.04 2.19 16.29
N ILE C 280 13.96 2.46 14.98
CA ILE C 280 14.38 3.74 14.43
C ILE C 280 13.26 4.43 13.67
N CYS C 281 12.09 3.81 13.56
CA CYS C 281 11.00 4.41 12.80
C CYS C 281 10.13 5.31 13.65
N GLY C 282 9.29 6.09 12.99
CA GLY C 282 8.38 6.98 13.67
C GLY C 282 7.24 6.25 14.33
N ILE C 283 6.62 6.90 15.31
CA ILE C 283 5.43 6.40 15.98
C ILE C 283 4.22 7.17 15.51
N THR C 284 3.15 6.46 15.16
CA THR C 284 1.96 7.09 14.60
C THR C 284 0.77 7.12 15.55
N SER C 285 0.77 6.32 16.60
CA SER C 285 -0.42 6.06 17.40
C SER C 285 -0.01 5.34 18.67
N VAL C 286 -0.68 5.68 19.76
CA VAL C 286 -0.43 5.10 21.08
C VAL C 286 -1.77 4.96 21.79
N SER C 287 -1.86 3.97 22.67
CA SER C 287 -3.03 3.75 23.50
C SER C 287 -2.63 2.88 24.69
N PHE C 288 -3.30 3.10 25.80
CA PHE C 288 -3.12 2.29 26.99
C PHE C 288 -4.19 1.21 27.04
N SER C 289 -3.84 0.08 27.63
CA SER C 289 -4.85 -0.89 28.03
C SER C 289 -5.63 -0.37 29.24
N LYS C 290 -6.68 -1.12 29.61
CA LYS C 290 -7.64 -0.67 30.63
C LYS C 290 -6.99 -0.40 31.99
N SER C 291 -6.06 -1.25 32.41
CA SER C 291 -5.42 -1.03 33.70
C SER C 291 -4.26 -0.05 33.64
N GLY C 292 -3.85 0.38 32.44
CA GLY C 292 -2.70 1.22 32.29
C GLY C 292 -1.37 0.50 32.24
N ARG C 293 -1.34 -0.80 32.49
CA ARG C 293 -0.07 -1.53 32.56
C ARG C 293 0.61 -1.64 31.21
N LEU C 294 -0.15 -1.76 30.13
CA LEU C 294 0.42 -1.92 28.81
C LEU C 294 0.26 -0.62 28.02
N LEU C 295 1.34 -0.20 27.37
CA LEU C 295 1.32 0.92 26.45
C LEU C 295 1.56 0.35 25.07
N LEU C 296 0.55 0.40 24.22
CA LEU C 296 0.63 -0.13 22.87
C LEU C 296 0.91 1.02 21.93
N ALA C 297 1.82 0.83 20.99
CA ALA C 297 2.24 1.92 20.13
C ALA C 297 2.42 1.41 18.71
N GLY C 298 1.95 2.20 17.73
CA GLY C 298 2.05 1.84 16.33
C GLY C 298 3.21 2.55 15.67
N TYR C 299 3.95 1.82 14.84
CA TYR C 299 5.22 2.29 14.31
C TYR C 299 5.23 2.27 12.79
N ASP C 300 6.00 3.17 12.19
CA ASP C 300 6.24 3.19 10.75
C ASP C 300 6.87 1.91 10.21
N ASP C 301 7.52 1.10 11.06
CA ASP C 301 8.18 -0.12 10.61
C ASP C 301 7.24 -1.30 10.37
N PHE C 302 5.93 -1.03 10.31
CA PHE C 302 4.77 -1.88 9.99
C PHE C 302 4.33 -2.67 11.22
N ASN C 303 4.98 -2.52 12.35
CA ASN C 303 4.69 -3.31 13.53
C ASN C 303 4.06 -2.45 14.61
N CYS C 304 3.36 -3.10 15.53
CA CYS C 304 2.95 -2.50 16.79
C CYS C 304 3.75 -3.14 17.92
N ASN C 305 4.39 -2.31 18.74
CA ASN C 305 5.11 -2.80 19.90
C ASN C 305 4.29 -2.55 21.16
N VAL C 306 4.28 -3.53 22.05
CA VAL C 306 3.55 -3.47 23.31
C VAL C 306 4.57 -3.29 24.42
N TRP C 307 4.53 -2.16 25.09
CA TRP C 307 5.46 -1.85 26.15
C TRP C 307 4.81 -2.08 27.51
N ASP C 308 5.61 -2.56 28.45
CA ASP C 308 5.23 -2.55 29.85
C ASP C 308 5.39 -1.11 30.30
N ALA C 309 4.28 -0.42 30.56
CA ALA C 309 4.30 1.01 30.81
C ALA C 309 4.99 1.37 32.12
N LEU C 310 5.08 0.43 33.07
CA LEU C 310 5.71 0.69 34.34
C LEU C 310 7.21 0.40 34.35
N LYS C 311 7.69 -0.51 33.49
CA LYS C 311 9.10 -0.91 33.54
C LYS C 311 9.88 -0.62 32.26
N ALA C 312 9.21 -0.20 31.19
CA ALA C 312 9.74 0.28 29.91
C ALA C 312 10.38 -0.80 29.04
N ASP C 313 10.43 -2.05 29.48
CA ASP C 313 10.87 -3.10 28.58
C ASP C 313 9.76 -3.42 27.59
N ARG C 314 10.16 -3.74 26.36
CA ARG C 314 9.18 -4.23 25.39
C ARG C 314 8.70 -5.61 25.78
N ALA C 315 7.38 -5.78 25.83
CA ALA C 315 6.79 -7.05 26.21
C ALA C 315 6.37 -7.90 25.01
N GLY C 316 6.14 -7.31 23.86
CA GLY C 316 5.57 -8.06 22.75
C GLY C 316 5.51 -7.20 21.51
N VAL C 317 5.20 -7.86 20.41
CA VAL C 317 5.15 -7.25 19.08
C VAL C 317 3.87 -7.75 18.42
N LEU C 318 3.18 -6.86 17.70
CA LEU C 318 2.07 -7.24 16.84
C LEU C 318 2.50 -6.98 15.41
N ALA C 319 2.78 -8.04 14.67
CA ALA C 319 3.30 -7.95 13.30
C ALA C 319 2.31 -8.63 12.38
N GLY C 320 1.40 -7.85 11.81
CA GLY C 320 0.37 -8.42 10.97
C GLY C 320 -0.03 -7.54 9.80
N HIS C 321 0.74 -6.50 9.52
CA HIS C 321 0.40 -5.56 8.48
C HIS C 321 1.53 -5.44 7.47
N ASP C 322 1.17 -5.04 6.25
CA ASP C 322 2.11 -4.93 5.14
C ASP C 322 2.48 -3.49 4.84
N ASN C 323 2.12 -2.55 5.71
CA ASN C 323 2.36 -1.12 5.55
C ASN C 323 2.15 -0.49 6.91
N ARG C 324 2.43 0.82 7.00
CA ARG C 324 2.40 1.60 8.24
C ARG C 324 1.13 1.35 9.06
N VAL C 325 1.31 1.17 10.37
CA VAL C 325 0.20 1.29 11.30
C VAL C 325 -0.11 2.76 11.47
N SER C 326 -1.29 3.19 11.06
CA SER C 326 -1.65 4.60 11.09
C SER C 326 -2.55 4.94 12.26
N CYS C 327 -3.16 3.95 12.88
CA CYS C 327 -4.11 4.18 13.96
C CYS C 327 -4.28 2.90 14.74
N LEU C 328 -4.66 3.05 16.00
CA LEU C 328 -5.03 1.92 16.83
C LEU C 328 -5.91 2.42 17.96
N GLY C 329 -6.55 1.49 18.64
CA GLY C 329 -7.35 1.84 19.80
C GLY C 329 -7.72 0.64 20.64
N VAL C 330 -7.83 0.85 21.94
CA VAL C 330 -8.20 -0.19 22.89
C VAL C 330 -9.61 0.11 23.35
N THR C 331 -10.45 -0.93 23.42
CA THR C 331 -11.83 -0.81 23.84
C THR C 331 -11.95 -0.28 25.26
N ASP C 332 -13.10 0.34 25.54
CA ASP C 332 -13.39 0.85 26.89
C ASP C 332 -13.42 -0.28 27.92
N ASP C 333 -13.91 -1.46 27.54
CA ASP C 333 -13.86 -2.58 28.47
C ASP C 333 -12.51 -3.29 28.49
N GLY C 334 -11.57 -2.88 27.65
CA GLY C 334 -10.24 -3.45 27.68
C GLY C 334 -10.08 -4.77 26.97
N MET C 335 -11.15 -5.30 26.35
CA MET C 335 -11.13 -6.66 25.86
C MET C 335 -10.31 -6.83 24.59
N ALA C 336 -10.13 -5.79 23.79
CA ALA C 336 -9.48 -5.94 22.50
C ALA C 336 -8.78 -4.66 22.12
N VAL C 337 -7.77 -4.80 21.27
CA VAL C 337 -7.17 -3.67 20.59
C VAL C 337 -7.40 -3.86 19.09
N ALA C 338 -7.78 -2.79 18.42
CA ALA C 338 -7.87 -2.77 16.97
C ALA C 338 -6.65 -2.06 16.43
N THR C 339 -6.14 -2.55 15.32
CA THR C 339 -5.08 -1.87 14.60
C THR C 339 -5.55 -1.56 13.20
N GLY C 340 -5.28 -0.35 12.72
CA GLY C 340 -5.60 0.03 11.36
C GLY C 340 -4.33 0.41 10.64
N SER C 341 -4.32 0.21 9.32
CA SER C 341 -3.07 0.28 8.59
C SER C 341 -3.28 0.89 7.22
N TRP C 342 -2.21 1.50 6.70
CA TRP C 342 -2.14 1.95 5.31
C TRP C 342 -2.33 0.82 4.28
N ASP C 343 -2.19 -0.45 4.67
CA ASP C 343 -2.38 -1.56 3.73
C ASP C 343 -3.84 -1.90 3.44
N SER C 344 -4.78 -1.07 3.95
CA SER C 344 -6.23 -1.05 3.77
C SER C 344 -7.01 -2.00 4.67
N PHE C 345 -6.38 -2.65 5.63
CA PHE C 345 -7.08 -3.58 6.50
C PHE C 345 -7.08 -3.07 7.93
N LEU C 346 -8.10 -3.46 8.68
CA LEU C 346 -8.07 -3.39 10.13
C LEU C 346 -7.99 -4.79 10.70
N LYS C 347 -7.27 -4.93 11.80
CA LYS C 347 -7.20 -6.20 12.49
C LYS C 347 -7.57 -6.00 13.95
N ILE C 348 -8.29 -6.97 14.50
CA ILE C 348 -8.64 -6.98 15.92
C ILE C 348 -7.76 -8.00 16.63
N TRP C 349 -7.15 -7.59 17.73
CA TRP C 349 -6.20 -8.41 18.45
C TRP C 349 -6.64 -8.54 19.89
N ASN C 350 -6.42 -9.71 20.48
CA ASN C 350 -6.39 -9.92 21.94
C ASN C 350 -5.70 -11.23 22.34
N SER D 8 6.00 41.19 17.35
CA SER D 8 6.69 40.10 18.02
C SER D 8 6.67 40.30 19.53
N ILE D 9 6.63 41.57 19.94
CA ILE D 9 6.58 41.89 21.37
C ILE D 9 5.26 41.43 22.00
N ALA D 10 4.13 41.71 21.32
CA ALA D 10 2.80 41.36 21.85
C ALA D 10 2.65 39.86 22.05
N GLN D 11 3.14 39.06 21.09
CA GLN D 11 3.09 37.61 21.23
C GLN D 11 3.94 37.16 22.42
N ALA D 12 5.12 37.79 22.58
CA ALA D 12 6.04 37.48 23.67
C ALA D 12 5.44 37.75 25.03
N ARG D 13 4.72 38.87 25.19
CA ARG D 13 4.09 39.16 26.48
C ARG D 13 3.05 38.11 26.84
N LYS D 14 2.29 37.62 25.84
CA LYS D 14 1.28 36.57 26.06
C LYS D 14 1.93 35.30 26.56
N LEU D 15 3.10 34.97 26.03
CA LEU D 15 3.85 33.80 26.46
C LEU D 15 4.26 33.91 27.92
N VAL D 16 4.67 35.11 28.36
CA VAL D 16 5.12 35.33 29.73
C VAL D 16 4.01 35.04 30.75
N GLU D 17 2.78 35.49 30.46
CA GLU D 17 1.63 35.25 31.36
C GLU D 17 1.33 33.76 31.51
N GLN D 18 1.47 32.98 30.44
CA GLN D 18 1.20 31.55 30.53
C GLN D 18 2.17 30.93 31.54
N LEU D 19 3.48 31.14 31.34
CA LEU D 19 4.49 30.65 32.29
C LEU D 19 4.27 31.23 33.68
N LYS D 20 3.86 32.51 33.77
CA LYS D 20 3.49 33.14 35.04
C LYS D 20 2.48 32.28 35.79
N MET D 21 1.42 31.86 35.09
CA MET D 21 0.43 30.95 35.66
C MET D 21 1.06 29.62 36.04
N GLU D 22 1.83 29.03 35.11
CA GLU D 22 2.45 27.72 35.32
C GLU D 22 3.46 27.70 36.46
N ALA D 23 4.15 28.83 36.70
CA ALA D 23 5.15 28.88 37.77
C ALA D 23 4.54 28.74 39.16
N ASN D 24 3.31 29.17 39.37
CA ASN D 24 2.73 29.23 40.71
C ASN D 24 1.97 27.96 41.10
N ILE D 25 1.98 26.93 40.25
CA ILE D 25 1.16 25.75 40.52
C ILE D 25 1.84 24.89 41.58
N ASP D 26 1.03 24.06 42.24
CA ASP D 26 1.49 23.08 43.22
C ASP D 26 1.91 21.81 42.51
N ARG D 27 3.10 21.31 42.81
CA ARG D 27 3.62 20.09 42.20
C ARG D 27 3.81 19.06 43.29
N ILE D 28 3.61 17.80 42.92
CA ILE D 28 3.80 16.71 43.84
C ILE D 28 5.13 16.06 43.46
N LYS D 29 5.69 15.28 44.37
CA LYS D 29 6.95 14.62 44.14
C LYS D 29 6.75 13.37 43.28
N VAL D 30 7.74 13.09 42.41
CA VAL D 30 7.71 11.92 41.52
C VAL D 30 7.55 10.61 42.30
N SER D 31 8.16 10.52 43.49
CA SER D 31 8.04 9.33 44.32
C SER D 31 6.59 9.06 44.71
N LYS D 32 5.86 10.11 45.08
CA LYS D 32 4.42 10.00 45.31
C LYS D 32 3.66 9.78 44.00
N ALA D 33 4.04 10.51 42.95
CA ALA D 33 3.38 10.41 41.65
C ALA D 33 3.50 9.01 41.04
N ALA D 34 4.69 8.42 41.09
CA ALA D 34 4.89 7.08 40.52
C ALA D 34 4.13 6.02 41.31
N ALA D 35 4.07 6.18 42.64
CA ALA D 35 3.33 5.25 43.49
C ALA D 35 1.84 5.22 43.13
N ASP D 36 1.26 6.38 42.81
CA ASP D 36 -0.16 6.47 42.47
C ASP D 36 -0.47 5.73 41.17
N LEU D 37 0.43 5.80 40.19
CA LEU D 37 0.22 5.08 38.93
C LEU D 37 0.32 3.58 39.12
N MET D 38 1.35 3.11 39.84
CA MET D 38 1.51 1.70 40.16
C MET D 38 0.33 1.15 40.96
N ALA D 39 -0.20 1.94 41.90
CA ALA D 39 -1.35 1.52 42.69
C ALA D 39 -2.58 1.30 41.81
N TYR D 40 -2.74 2.13 40.77
CA TYR D 40 -3.85 1.95 39.84
C TYR D 40 -3.72 0.66 39.04
N CYS D 41 -2.52 0.41 38.49
CA CYS D 41 -2.25 -0.80 37.72
C CYS D 41 -2.51 -2.07 38.53
N GLU D 42 -2.00 -2.12 39.77
CA GLU D 42 -2.20 -3.29 40.63
C GLU D 42 -3.68 -3.52 40.95
N ALA D 43 -4.42 -2.43 41.23
CA ALA D 43 -5.84 -2.56 41.60
C ALA D 43 -6.71 -3.04 40.45
N HIS D 44 -6.29 -2.81 39.21
CA HIS D 44 -7.09 -3.15 38.04
C HIS D 44 -6.53 -4.29 37.21
N ALA D 45 -5.48 -4.96 37.72
CA ALA D 45 -4.79 -6.03 36.98
C ALA D 45 -5.75 -7.15 36.56
N LYS D 46 -6.71 -7.50 37.42
CA LYS D 46 -7.59 -8.62 37.11
C LYS D 46 -8.70 -8.24 36.14
N GLU D 47 -9.00 -6.94 36.01
CA GLU D 47 -10.02 -6.45 35.10
C GLU D 47 -9.43 -6.03 33.75
N ASP D 48 -8.16 -6.33 33.51
CA ASP D 48 -7.47 -6.02 32.27
C ASP D 48 -7.39 -7.29 31.44
N PRO D 49 -8.25 -7.48 30.43
CA PRO D 49 -8.20 -8.72 29.65
C PRO D 49 -6.98 -8.84 28.75
N LEU D 50 -6.29 -7.75 28.45
CA LEU D 50 -5.08 -7.85 27.64
C LEU D 50 -3.86 -8.21 28.49
N LEU D 51 -3.86 -7.80 29.76
CA LEU D 51 -2.77 -8.15 30.67
C LEU D 51 -2.87 -9.62 31.07
N THR D 52 -4.03 -10.01 31.60
CA THR D 52 -4.29 -11.33 32.15
C THR D 52 -5.41 -11.91 31.31
N PRO D 53 -5.09 -12.68 30.26
CA PRO D 53 -6.10 -13.10 29.28
C PRO D 53 -7.20 -13.96 29.88
N VAL D 54 -8.38 -13.84 29.30
CA VAL D 54 -9.59 -14.47 29.83
C VAL D 54 -9.85 -15.79 29.11
N PRO D 55 -10.63 -16.71 29.68
CA PRO D 55 -10.96 -17.96 28.96
C PRO D 55 -11.77 -17.68 27.70
N ALA D 56 -11.65 -18.62 26.75
CA ALA D 56 -12.27 -18.56 25.42
C ALA D 56 -13.75 -18.17 25.47
N SER D 57 -14.53 -18.84 26.33
CA SER D 57 -15.98 -18.61 26.42
C SER D 57 -16.30 -17.18 26.82
N GLU D 58 -15.55 -16.63 27.78
CA GLU D 58 -15.73 -15.24 28.20
C GLU D 58 -15.40 -14.26 27.07
N ASN D 59 -14.36 -14.56 26.29
CA ASN D 59 -13.89 -13.67 25.24
C ASN D 59 -14.96 -13.61 24.15
N PRO D 60 -15.48 -12.42 23.82
CA PRO D 60 -16.57 -12.32 22.83
C PRO D 60 -16.18 -12.68 21.41
N PHE D 61 -14.99 -12.25 20.97
CA PHE D 61 -14.60 -12.43 19.56
C PHE D 61 -14.44 -13.91 19.19
N ARG D 62 -13.84 -14.72 20.05
CA ARG D 62 -13.61 -16.14 19.73
C ARG D 62 -14.09 -17.03 20.88
N GLU D 63 -15.39 -17.23 21.01
CA GLU D 63 -15.91 -18.11 22.06
C GLU D 63 -15.84 -19.58 21.65
O5' ADN E . 2.49 -33.38 -24.07
C5' ADN E . 3.80 -33.26 -23.55
C4' ADN E . 4.25 -34.53 -22.89
O4' ADN E . 4.00 -35.64 -23.77
C3' ADN E . 5.74 -34.61 -22.59
O3' ADN E . 6.08 -34.03 -21.34
C2' ADN E . 6.06 -36.10 -22.66
O2' ADN E . 5.98 -36.71 -21.39
C1' ADN E . 4.95 -36.65 -23.55
N9 ADN E . 5.43 -37.14 -24.85
C8 ADN E . 5.12 -36.63 -26.09
N7 ADN E . 5.63 -37.30 -27.09
C5 ADN E . 6.34 -38.32 -26.46
C6 ADN E . 7.10 -39.38 -26.97
N6 ADN E . 7.29 -39.61 -28.27
N1 ADN E . 7.68 -40.22 -26.08
C2 ADN E . 7.49 -40.00 -24.78
N3 ADN E . 6.79 -39.03 -24.19
C4 ADN E . 6.23 -38.22 -25.09
C1 XTD F . 16.17 -27.19 -18.73
C2 XTD F . 15.82 -26.36 -17.68
C3 XTD F . 16.44 -26.47 -16.45
C4 XTD F . 17.40 -27.43 -16.26
C5 XTD F . 17.77 -28.27 -17.29
C6 XTD F . 17.15 -28.16 -18.52
C7 XTD F . 15.57 -25.79 -20.81
C9 XTD F . 16.38 -23.83 -21.74
C8 XTD F . 14.45 -25.37 -21.51
C10 XTD F . 16.68 -24.90 -20.95
C11 XTD F . 18.04 -25.04 -20.37
C12 XTD F . 18.95 -25.95 -20.90
N XTD F . 13.25 -25.95 -21.61
C XTD F . 15.51 -27.07 -20.05
O XTD F . 14.92 -28.03 -20.53
C13 XTD F . 20.18 -26.14 -20.31
C14 XTD F . 21.13 -27.16 -20.87
C15 XTD F . 20.54 -25.42 -19.18
C16 XTD F . 19.64 -24.50 -18.64
C17 XTD F . 19.99 -23.74 -17.40
C18 XTD F . 18.40 -24.31 -19.24
F XTD F . 21.72 -26.76 -21.98
F1 XTD F . 22.10 -27.48 -20.02
F2 XTD F . 20.52 -28.31 -21.17
F3 XTD F . 18.93 -23.29 -16.76
F4 XTD F . 20.75 -22.68 -17.65
F5 XTD F . 20.67 -24.49 -16.53
S XTD F . 14.77 -23.87 -22.34
CL XTD F . 18.17 -27.58 -14.71
#